data_6BAW
#
_entry.id   6BAW
#
_cell.length_a   93.647
_cell.length_b   93.710
_cell.length_c   175.408
_cell.angle_alpha   90.00
_cell.angle_beta   90.00
_cell.angle_gamma   90.00
#
_symmetry.space_group_name_H-M   'P 21 21 21'
#
loop_
_entity.id
_entity.type
_entity.pdbx_description
1 polymer Endoplasmin
2 non-polymer 'dimethyl 2-[2-(1-benzyl-1H-imidazol-2-yl)ethyl]-4,6-dihydroxybenzene-1,3-dicarboxylate'
3 non-polymer 1,2-ETHANEDIOL
4 non-polymer 'PHOSPHATE ION'
5 water water
#
_entity_poly.entity_id   1
_entity_poly.type   'polypeptide(L)'
_entity_poly.pdbx_seq_one_letter_code
;GSHMLREKSEKFAFQAEVNRMMKLIINSLYKNKEIFLRELISNASDALDKIRLISLTDENALAGNEELTVKIKCDKEKNL
LHVTDTGVGMTREELVKNLGTIAKSGTSEFLNKMTEAQEDGQSTSELIGQFGVGFYSAFLVADKVIVTSKHNNDTQHIWE
SDSNEFSVIADPRGNTLGRGTTITLVLKEEASDYLELDTIKNLVKKYSQFINFPIYVWSSKTGGGGKTVWDWELMN
;
_entity_poly.pdbx_strand_id   B,A,C,D
#
# COMPACT_ATOMS: atom_id res chain seq x y z
N PHE A 12 -6.40 -17.75 6.22
CA PHE A 12 -5.00 -17.34 6.23
C PHE A 12 -4.88 -15.86 5.88
N ALA A 13 -3.89 -15.52 5.05
CA ALA A 13 -3.74 -14.15 4.57
C ALA A 13 -4.79 -13.79 3.53
N PHE A 14 -5.69 -14.70 3.20
CA PHE A 14 -6.79 -14.38 2.30
C PHE A 14 -7.69 -13.31 2.88
N GLN A 15 -7.87 -13.30 4.21
CA GLN A 15 -8.66 -12.26 4.85
C GLN A 15 -7.90 -10.93 4.92
N ALA A 16 -6.57 -10.98 5.00
CA ALA A 16 -5.78 -9.76 5.03
C ALA A 16 -5.92 -8.98 3.72
N GLU A 17 -5.85 -9.69 2.59
CA GLU A 17 -5.99 -9.01 1.30
C GLU A 17 -7.43 -8.56 1.07
N VAL A 18 -8.41 -9.36 1.53
CA VAL A 18 -9.80 -8.94 1.44
C VAL A 18 -10.02 -7.67 2.26
N ASN A 19 -9.43 -7.61 3.45
CA ASN A 19 -9.54 -6.41 4.28
C ASN A 19 -8.97 -5.20 3.56
N ARG A 20 -7.82 -5.34 2.91
CA ARG A 20 -7.26 -4.24 2.13
C ARG A 20 -8.17 -3.86 0.98
N MET A 21 -8.82 -4.85 0.37
CA MET A 21 -9.68 -4.57 -0.78
C MET A 21 -10.92 -3.80 -0.38
N MET A 22 -11.55 -4.17 0.75
CA MET A 22 -12.68 -3.40 1.24
C MET A 22 -12.28 -1.98 1.58
N LYS A 23 -11.10 -1.82 2.19
CA LYS A 23 -10.63 -0.50 2.59
C LYS A 23 -10.47 0.42 1.39
N LEU A 24 -9.88 -0.09 0.30
CA LEU A 24 -9.58 0.76 -0.85
C LEU A 24 -10.84 1.06 -1.67
N ILE A 25 -11.74 0.10 -1.81
CA ILE A 25 -12.93 0.30 -2.63
C ILE A 25 -13.87 1.30 -1.96
N ILE A 26 -14.12 1.12 -0.66
CA ILE A 26 -15.02 2.03 0.05
C ILE A 26 -14.40 3.41 0.18
N ASN A 27 -13.07 3.48 0.32
CA ASN A 27 -12.39 4.77 0.35
C ASN A 27 -12.63 5.55 -0.93
N SER A 28 -12.62 4.86 -2.07
CA SER A 28 -12.86 5.52 -3.35
C SER A 28 -14.30 5.99 -3.49
N LEU A 29 -15.22 5.42 -2.72
CA LEU A 29 -16.62 5.86 -2.77
C LEU A 29 -16.77 7.31 -2.30
N TYR A 30 -15.84 7.81 -1.49
CA TYR A 30 -15.82 9.23 -1.15
C TYR A 30 -15.25 10.07 -2.29
N LYS A 31 -14.22 9.56 -2.95
CA LYS A 31 -13.46 10.35 -3.93
C LYS A 31 -13.87 9.98 -5.36
N ASN A 32 -15.16 10.15 -5.65
CA ASN A 32 -15.72 10.10 -7.00
C ASN A 32 -15.57 8.73 -7.66
N LYS A 33 -15.37 7.67 -6.87
CA LYS A 33 -15.39 6.29 -7.37
C LYS A 33 -14.41 6.08 -8.50
N GLU A 34 -13.25 6.73 -8.43
CA GLU A 34 -12.32 6.73 -9.55
C GLU A 34 -11.33 5.57 -9.53
N ILE A 35 -11.30 4.77 -8.47
CA ILE A 35 -10.28 3.74 -8.34
C ILE A 35 -10.44 2.65 -9.40
N PHE A 36 -11.62 2.48 -9.98
CA PHE A 36 -11.79 1.49 -11.03
C PHE A 36 -10.98 1.86 -12.27
N LEU A 37 -10.83 3.16 -12.54
CA LEU A 37 -10.08 3.59 -13.72
C LEU A 37 -8.57 3.55 -13.46
N ARG A 38 -8.15 3.89 -12.24
CA ARG A 38 -6.73 3.74 -11.90
C ARG A 38 -6.30 2.29 -12.01
N GLU A 39 -7.13 1.37 -11.53
CA GLU A 39 -6.80 -0.05 -11.61
C GLU A 39 -6.85 -0.56 -13.05
N LEU A 40 -7.77 -0.02 -13.87
CA LEU A 40 -7.81 -0.39 -15.27
C LEU A 40 -6.51 -0.03 -15.97
N ILE A 41 -5.94 1.14 -15.65
CA ILE A 41 -4.70 1.57 -16.28
C ILE A 41 -3.52 0.79 -15.70
N SER A 42 -3.51 0.59 -14.38
CA SER A 42 -2.38 -0.08 -13.75
C SER A 42 -2.28 -1.54 -14.18
N ASN A 43 -3.41 -2.25 -14.23
CA ASN A 43 -3.37 -3.65 -14.61
C ASN A 43 -3.00 -3.82 -16.08
N ALA A 44 -3.44 -2.89 -16.93
CA ALA A 44 -3.03 -2.93 -18.33
C ALA A 44 -1.54 -2.70 -18.47
N SER A 45 -0.97 -1.83 -17.62
CA SER A 45 0.47 -1.59 -17.66
C SER A 45 1.25 -2.81 -17.21
N ASP A 46 0.76 -3.51 -16.18
CA ASP A 46 1.44 -4.72 -15.74
C ASP A 46 1.37 -5.84 -16.77
N ALA A 47 0.25 -5.92 -17.51
CA ALA A 47 0.16 -6.92 -18.57
C ALA A 47 1.12 -6.59 -19.71
N LEU A 48 1.33 -5.31 -19.99
CA LEU A 48 2.32 -4.93 -21.00
C LEU A 48 3.74 -5.21 -20.51
N ASP A 49 3.98 -5.03 -19.21
CA ASP A 49 5.28 -5.37 -18.65
C ASP A 49 5.56 -6.87 -18.76
N LYS A 50 4.51 -7.69 -18.64
CA LYS A 50 4.70 -9.13 -18.67
C LYS A 50 5.14 -9.61 -20.06
N ILE A 51 4.52 -9.09 -21.11
CA ILE A 51 4.88 -9.54 -22.45
C ILE A 51 6.22 -8.95 -22.89
N ARG A 52 6.60 -7.79 -22.35
CA ARG A 52 7.92 -7.25 -22.65
C ARG A 52 9.01 -8.09 -21.99
N LEU A 53 8.73 -8.59 -20.78
CA LEU A 53 9.67 -9.49 -20.11
C LEU A 53 9.80 -10.81 -20.88
N ILE A 54 8.68 -11.32 -21.40
CA ILE A 54 8.72 -12.56 -22.16
C ILE A 54 9.48 -12.37 -23.47
N SER A 55 9.37 -11.20 -24.07
CA SER A 55 10.06 -10.92 -25.33
C SER A 55 11.58 -10.91 -25.19
N LEU A 56 12.10 -10.93 -23.96
CA LEU A 56 13.55 -11.01 -23.79
C LEU A 56 14.05 -12.41 -24.09
N THR A 57 13.26 -13.44 -23.77
CA THR A 57 13.63 -14.82 -24.06
C THR A 57 13.09 -15.27 -25.42
N ASP A 58 11.79 -15.09 -25.65
CA ASP A 58 11.20 -15.45 -26.93
C ASP A 58 11.60 -14.44 -28.00
N GLU A 59 11.98 -14.94 -29.16
CA GLU A 59 12.39 -14.06 -30.26
C GLU A 59 11.19 -13.30 -30.82
N ASN A 60 10.10 -14.01 -31.11
CA ASN A 60 8.94 -13.39 -31.72
C ASN A 60 7.72 -13.45 -30.79
N ALA A 61 7.91 -13.05 -29.54
CA ALA A 61 6.78 -13.01 -28.61
C ALA A 61 5.80 -11.91 -28.94
N LEU A 62 6.18 -10.94 -29.78
CA LEU A 62 5.33 -9.83 -30.17
C LEU A 62 4.86 -9.95 -31.62
N ALA A 63 4.91 -11.16 -32.19
CA ALA A 63 4.55 -11.34 -33.59
C ALA A 63 3.08 -11.05 -33.86
N GLY A 64 2.22 -11.24 -32.86
CA GLY A 64 0.81 -10.94 -33.04
C GLY A 64 0.48 -9.48 -33.06
N ASN A 65 1.23 -8.67 -32.30
CA ASN A 65 0.99 -7.23 -32.25
C ASN A 65 2.30 -6.58 -31.77
N GLU A 66 3.02 -5.97 -32.71
CA GLU A 66 4.36 -5.44 -32.43
C GLU A 66 4.35 -4.15 -31.64
N GLU A 67 3.18 -3.63 -31.27
CA GLU A 67 3.08 -2.39 -30.50
C GLU A 67 2.62 -2.69 -29.09
N LEU A 68 2.98 -1.78 -28.17
CA LEU A 68 2.69 -1.91 -26.74
C LEU A 68 1.96 -0.65 -26.29
N THR A 69 0.63 -0.68 -26.35
CA THR A 69 -0.18 0.50 -26.10
C THR A 69 -1.34 0.19 -25.17
N VAL A 70 -1.99 1.27 -24.72
CA VAL A 70 -3.28 1.21 -24.04
C VAL A 70 -4.19 2.21 -24.74
N LYS A 71 -5.31 1.71 -25.28
CA LYS A 71 -6.21 2.54 -26.07
C LYS A 71 -7.60 2.48 -25.46
N ILE A 72 -8.17 3.65 -25.18
CA ILE A 72 -9.45 3.76 -24.48
C ILE A 72 -10.44 4.45 -25.41
N LYS A 73 -11.61 3.84 -25.57
CA LYS A 73 -12.66 4.35 -26.45
C LYS A 73 -13.99 4.35 -25.71
N CYS A 74 -14.74 5.44 -25.85
CA CYS A 74 -16.05 5.58 -25.24
C CYS A 74 -17.14 5.38 -26.28
N ASP A 75 -18.22 4.72 -25.87
CA ASP A 75 -19.40 4.52 -26.71
C ASP A 75 -20.57 5.14 -25.95
N LYS A 76 -20.78 6.44 -26.17
CA LYS A 76 -21.77 7.18 -25.38
C LYS A 76 -23.18 6.65 -25.60
N GLU A 77 -23.54 6.36 -26.85
CA GLU A 77 -24.90 5.93 -27.14
C GLU A 77 -25.19 4.54 -26.57
N LYS A 78 -24.19 3.66 -26.60
CA LYS A 78 -24.36 2.32 -26.05
C LYS A 78 -24.01 2.23 -24.57
N ASN A 79 -23.48 3.30 -23.99
CA ASN A 79 -23.09 3.34 -22.58
C ASN A 79 -22.11 2.22 -22.25
N LEU A 80 -21.00 2.22 -22.98
CA LEU A 80 -19.94 1.23 -22.81
C LEU A 80 -18.60 1.94 -22.72
N LEU A 81 -17.68 1.33 -21.96
CA LEU A 81 -16.32 1.83 -21.80
C LEU A 81 -15.35 0.72 -22.15
N HIS A 82 -14.50 0.96 -23.13
CA HIS A 82 -13.53 -0.02 -23.61
C HIS A 82 -12.12 0.44 -23.27
N VAL A 83 -11.33 -0.46 -22.70
CA VAL A 83 -9.91 -0.22 -22.42
C VAL A 83 -9.14 -1.39 -23.03
N THR A 84 -8.35 -1.11 -24.06
CA THR A 84 -7.65 -2.14 -24.82
C THR A 84 -6.15 -1.95 -24.66
N ASP A 85 -5.48 -2.98 -24.16
CA ASP A 85 -4.03 -3.02 -24.10
C ASP A 85 -3.53 -4.20 -24.93
N THR A 86 -2.26 -4.12 -25.34
CA THR A 86 -1.65 -5.19 -26.11
C THR A 86 -0.65 -5.97 -25.25
N GLY A 87 -1.04 -6.30 -24.03
CA GLY A 87 -0.18 -7.00 -23.11
C GLY A 87 -0.05 -8.48 -23.45
N VAL A 88 0.29 -9.26 -22.43
CA VAL A 88 0.50 -10.69 -22.62
C VAL A 88 -0.79 -11.42 -22.96
N GLY A 89 -1.94 -10.88 -22.57
CA GLY A 89 -3.20 -11.54 -22.79
C GLY A 89 -3.41 -12.68 -21.80
N MET A 90 -4.52 -13.40 -21.99
CA MET A 90 -4.89 -14.48 -21.10
C MET A 90 -5.43 -15.65 -21.91
N THR A 91 -4.93 -16.85 -21.62
CA THR A 91 -5.48 -18.05 -22.23
C THR A 91 -6.88 -18.32 -21.70
N ARG A 92 -7.57 -19.26 -22.34
CA ARG A 92 -8.89 -19.65 -21.84
C ARG A 92 -8.79 -20.25 -20.45
N GLU A 93 -7.75 -21.03 -20.19
CA GLU A 93 -7.54 -21.59 -18.86
C GLU A 93 -7.31 -20.49 -17.82
N GLU A 94 -6.69 -19.39 -18.23
CA GLU A 94 -6.48 -18.27 -17.30
C GLU A 94 -7.76 -17.47 -17.09
N LEU A 95 -8.63 -17.40 -18.10
CA LEU A 95 -9.92 -16.73 -17.92
C LEU A 95 -10.82 -17.51 -16.97
N VAL A 96 -10.77 -18.85 -17.03
CA VAL A 96 -11.59 -19.66 -16.14
C VAL A 96 -11.13 -19.50 -14.70
N LYS A 97 -9.82 -19.40 -14.48
CA LYS A 97 -9.31 -19.20 -13.13
C LYS A 97 -9.62 -17.80 -12.62
N ASN A 98 -9.69 -16.81 -13.52
CA ASN A 98 -9.80 -15.39 -13.20
C ASN A 98 -9.03 -15.03 -11.94
N LEU A 99 -9.71 -14.51 -10.92
CA LEU A 99 -9.09 -14.18 -9.64
C LEU A 99 -9.45 -15.18 -8.55
N GLY A 100 -9.90 -16.38 -8.92
CA GLY A 100 -10.16 -17.43 -7.96
C GLY A 100 -11.42 -17.27 -7.14
N THR A 101 -12.27 -16.29 -7.46
CA THR A 101 -13.49 -16.06 -6.71
C THR A 101 -14.76 -16.12 -7.55
N ILE A 102 -14.64 -16.22 -8.87
CA ILE A 102 -15.78 -16.19 -9.77
C ILE A 102 -15.97 -17.60 -10.33
N ALA A 103 -17.15 -18.17 -10.09
CA ALA A 103 -17.47 -19.52 -10.53
C ALA A 103 -18.22 -19.51 -11.85
N LYS A 104 -18.20 -20.64 -12.54
CA LYS A 104 -18.99 -20.79 -13.76
C LYS A 104 -20.48 -20.63 -13.43
N SER A 105 -21.23 -20.11 -14.41
CA SER A 105 -22.64 -19.84 -14.19
C SER A 105 -23.40 -21.11 -13.86
N GLY A 106 -24.06 -21.11 -12.70
CA GLY A 106 -24.83 -22.26 -12.24
C GLY A 106 -24.07 -23.23 -11.36
N THR A 107 -22.89 -22.85 -10.86
CA THR A 107 -22.06 -23.74 -10.05
C THR A 107 -21.70 -23.12 -8.70
N SER A 108 -22.50 -22.19 -8.20
CA SER A 108 -22.17 -21.53 -6.95
C SER A 108 -22.47 -22.39 -5.73
N GLU A 109 -23.45 -23.27 -5.82
CA GLU A 109 -23.83 -24.13 -4.70
C GLU A 109 -23.03 -25.43 -4.69
N PHE A 110 -21.72 -25.31 -4.87
CA PHE A 110 -20.83 -26.47 -4.88
C PHE A 110 -19.42 -26.10 -4.44
N SER A 123 -2.01 -18.62 -5.26
CA SER A 123 -3.28 -18.94 -4.62
C SER A 123 -4.30 -17.82 -4.85
N THR A 124 -5.51 -18.02 -4.32
CA THR A 124 -6.55 -17.00 -4.46
C THR A 124 -6.21 -15.73 -3.69
N SER A 125 -5.45 -15.86 -2.59
CA SER A 125 -5.08 -14.69 -1.80
C SER A 125 -4.15 -13.78 -2.60
N GLU A 126 -3.24 -14.37 -3.39
CA GLU A 126 -2.35 -13.54 -4.20
C GLU A 126 -3.10 -12.91 -5.37
N LEU A 127 -4.08 -13.62 -5.94
CA LEU A 127 -4.88 -13.04 -7.00
C LEU A 127 -5.75 -11.91 -6.48
N ILE A 128 -6.29 -12.06 -5.27
CA ILE A 128 -7.11 -11.01 -4.67
C ILE A 128 -6.27 -9.76 -4.42
N GLY A 129 -5.07 -9.95 -3.87
CA GLY A 129 -4.23 -8.82 -3.53
C GLY A 129 -3.79 -8.00 -4.74
N GLN A 130 -3.77 -8.62 -5.92
CA GLN A 130 -3.34 -7.93 -7.13
C GLN A 130 -4.49 -7.47 -8.00
N PHE A 131 -5.54 -8.28 -8.14
CA PHE A 131 -6.63 -7.99 -9.08
C PHE A 131 -7.98 -7.76 -8.41
N GLY A 132 -8.11 -8.01 -7.10
CA GLY A 132 -9.40 -7.88 -6.46
C GLY A 132 -9.94 -6.46 -6.49
N VAL A 133 -9.07 -5.48 -6.22
CA VAL A 133 -9.50 -4.09 -6.21
C VAL A 133 -10.00 -3.68 -7.59
N GLY A 134 -9.28 -4.06 -8.64
CA GLY A 134 -9.67 -3.65 -9.98
C GLY A 134 -10.97 -4.27 -10.44
N PHE A 135 -11.16 -5.56 -10.17
CA PHE A 135 -12.36 -6.25 -10.63
C PHE A 135 -13.60 -5.75 -9.89
N TYR A 136 -13.55 -5.76 -8.56
CA TYR A 136 -14.74 -5.46 -7.77
C TYR A 136 -15.09 -3.98 -7.80
N SER A 137 -14.10 -3.09 -7.91
CA SER A 137 -14.39 -1.67 -7.97
C SER A 137 -15.01 -1.27 -9.31
N ALA A 138 -14.89 -2.13 -10.33
CA ALA A 138 -15.54 -1.85 -11.61
C ALA A 138 -17.06 -1.82 -11.46
N PHE A 139 -17.59 -2.54 -10.48
CA PHE A 139 -19.02 -2.55 -10.23
C PHE A 139 -19.49 -1.37 -9.39
N LEU A 140 -18.61 -0.41 -9.15
CA LEU A 140 -19.05 0.89 -8.68
C LEU A 140 -19.80 1.64 -9.76
N VAL A 141 -19.51 1.35 -11.04
CA VAL A 141 -20.08 2.12 -12.15
C VAL A 141 -20.66 1.20 -13.22
N ALA A 142 -20.32 -0.10 -13.15
CA ALA A 142 -20.70 -1.04 -14.18
C ALA A 142 -21.60 -2.13 -13.60
N ASP A 143 -22.51 -2.62 -14.45
CA ASP A 143 -23.35 -3.76 -14.12
C ASP A 143 -22.68 -5.08 -14.47
N LYS A 144 -21.91 -5.13 -15.54
CA LYS A 144 -21.19 -6.33 -15.95
C LYS A 144 -19.77 -5.93 -16.35
N VAL A 145 -18.87 -6.90 -16.28
CA VAL A 145 -17.48 -6.73 -16.70
C VAL A 145 -17.19 -7.79 -17.75
N ILE A 146 -16.82 -7.35 -18.95
CA ILE A 146 -16.58 -8.23 -20.09
C ILE A 146 -15.11 -8.16 -20.46
N VAL A 147 -14.48 -9.33 -20.59
CA VAL A 147 -13.05 -9.42 -20.85
C VAL A 147 -12.85 -10.16 -22.16
N THR A 148 -12.28 -9.47 -23.16
CA THR A 148 -11.87 -10.08 -24.41
C THR A 148 -10.35 -10.15 -24.41
N SER A 149 -9.81 -11.38 -24.45
CA SER A 149 -8.38 -11.58 -24.31
C SER A 149 -7.86 -12.51 -25.40
N LYS A 150 -6.63 -12.24 -25.83
CA LYS A 150 -5.95 -13.08 -26.82
C LYS A 150 -4.52 -13.31 -26.36
N HIS A 151 -4.19 -14.55 -26.05
CA HIS A 151 -2.88 -14.96 -25.57
C HIS A 151 -2.17 -15.74 -26.67
N ASN A 152 -0.84 -15.72 -26.63
CA ASN A 152 -0.06 -16.46 -27.61
C ASN A 152 -0.32 -17.97 -27.45
N ASN A 153 -0.41 -18.66 -28.60
CA ASN A 153 -0.65 -20.10 -28.66
C ASN A 153 -2.02 -20.48 -28.12
N ASP A 154 -2.98 -19.56 -28.18
CA ASP A 154 -4.36 -19.85 -27.82
C ASP A 154 -5.27 -18.91 -28.60
N THR A 155 -6.52 -19.34 -28.77
CA THR A 155 -7.49 -18.54 -29.50
C THR A 155 -8.00 -17.39 -28.64
N GLN A 156 -8.81 -16.53 -29.26
CA GLN A 156 -9.36 -15.36 -28.58
C GLN A 156 -10.73 -15.69 -28.01
N HIS A 157 -10.96 -15.29 -26.77
CA HIS A 157 -12.18 -15.62 -26.05
C HIS A 157 -12.81 -14.35 -25.49
N ILE A 158 -14.07 -14.46 -25.08
CA ILE A 158 -14.79 -13.39 -24.40
C ILE A 158 -15.27 -13.93 -23.06
N TRP A 159 -15.07 -13.14 -22.01
CA TRP A 159 -15.34 -13.54 -20.63
C TRP A 159 -16.19 -12.47 -19.99
N GLU A 160 -17.37 -12.85 -19.50
CA GLU A 160 -18.33 -11.90 -18.95
C GLU A 160 -18.75 -12.35 -17.56
N SER A 161 -18.83 -11.40 -16.62
CA SER A 161 -19.17 -11.69 -15.24
C SER A 161 -20.15 -10.65 -14.71
N ASP A 162 -21.01 -11.10 -13.80
CA ASP A 162 -21.92 -10.22 -13.07
C ASP A 162 -21.45 -9.96 -11.64
N SER A 163 -20.13 -10.02 -11.43
CA SER A 163 -19.44 -9.88 -10.14
C SER A 163 -19.47 -11.17 -9.34
N ASN A 164 -20.40 -12.08 -9.66
CA ASN A 164 -20.53 -13.34 -8.93
C ASN A 164 -20.12 -14.54 -9.78
N GLU A 165 -20.81 -14.79 -10.88
CA GLU A 165 -20.51 -15.89 -11.78
C GLU A 165 -20.00 -15.36 -13.11
N PHE A 166 -19.48 -16.27 -13.94
CA PHE A 166 -18.95 -15.89 -15.23
C PHE A 166 -19.37 -16.90 -16.30
N SER A 167 -19.21 -16.47 -17.55
CA SER A 167 -19.37 -17.33 -18.71
C SER A 167 -18.34 -16.91 -19.74
N VAL A 168 -17.72 -17.89 -20.40
CA VAL A 168 -16.64 -17.64 -21.35
C VAL A 168 -16.91 -18.41 -22.63
N ILE A 169 -16.79 -17.73 -23.76
CA ILE A 169 -16.94 -18.33 -25.09
C ILE A 169 -15.77 -17.88 -25.96
N ALA A 170 -15.57 -18.61 -27.04
CA ALA A 170 -14.62 -18.18 -28.07
C ALA A 170 -15.23 -17.04 -28.88
N ASP A 171 -14.40 -16.03 -29.16
CA ASP A 171 -14.87 -14.86 -29.89
C ASP A 171 -15.36 -15.26 -31.27
N PRO A 172 -16.61 -14.95 -31.64
CA PRO A 172 -17.08 -15.28 -33.00
C PRO A 172 -16.29 -14.59 -34.08
N ARG A 173 -15.74 -13.41 -33.81
CA ARG A 173 -14.93 -12.70 -34.78
C ARG A 173 -13.53 -13.29 -34.95
N GLY A 174 -13.13 -14.21 -34.08
CA GLY A 174 -11.79 -14.77 -34.17
C GLY A 174 -10.75 -13.88 -33.52
N ASN A 175 -9.54 -13.93 -34.07
CA ASN A 175 -8.41 -13.16 -33.55
C ASN A 175 -8.49 -11.74 -34.11
N THR A 176 -9.00 -10.81 -33.30
CA THR A 176 -9.08 -9.41 -33.68
C THR A 176 -8.10 -8.51 -32.93
N LEU A 177 -7.57 -8.96 -31.80
CA LEU A 177 -6.62 -8.18 -31.01
C LEU A 177 -5.17 -8.49 -31.33
N GLY A 178 -4.89 -9.63 -31.94
CA GLY A 178 -3.52 -10.06 -32.15
C GLY A 178 -2.91 -10.58 -30.86
N ARG A 179 -2.89 -9.73 -29.83
CA ARG A 179 -2.43 -10.07 -28.50
C ARG A 179 -2.82 -8.95 -27.56
N GLY A 180 -3.29 -9.31 -26.37
CA GLY A 180 -3.64 -8.32 -25.37
C GLY A 180 -5.02 -8.61 -24.80
N THR A 181 -5.58 -7.58 -24.16
CA THR A 181 -6.84 -7.70 -23.44
C THR A 181 -7.65 -6.43 -23.59
N THR A 182 -8.94 -6.58 -23.86
CA THR A 182 -9.90 -5.48 -23.89
C THR A 182 -10.88 -5.66 -22.74
N ILE A 183 -10.93 -4.69 -21.83
CA ILE A 183 -11.89 -4.68 -20.74
C ILE A 183 -13.06 -3.79 -21.14
N THR A 184 -14.24 -4.37 -21.22
CA THR A 184 -15.46 -3.64 -21.54
C THR A 184 -16.33 -3.55 -20.29
N LEU A 185 -16.71 -2.33 -19.93
CA LEU A 185 -17.56 -2.07 -18.77
C LEU A 185 -18.93 -1.64 -19.28
N VAL A 186 -19.95 -2.48 -19.04
CA VAL A 186 -21.32 -2.11 -19.32
C VAL A 186 -21.77 -1.18 -18.20
N LEU A 187 -21.61 0.13 -18.39
CA LEU A 187 -21.84 1.08 -17.32
C LEU A 187 -23.31 1.17 -16.95
N LYS A 188 -23.57 1.41 -15.67
CA LYS A 188 -24.91 1.80 -15.26
C LYS A 188 -25.23 3.18 -15.85
N GLU A 189 -26.53 3.47 -16.01
CA GLU A 189 -26.92 4.81 -16.44
C GLU A 189 -26.54 5.84 -15.39
N GLU A 190 -26.59 5.45 -14.11
CA GLU A 190 -26.14 6.34 -13.03
C GLU A 190 -24.78 6.94 -13.33
N ALA A 191 -23.90 6.17 -13.98
CA ALA A 191 -22.55 6.62 -14.30
C ALA A 191 -22.39 7.02 -15.77
N SER A 192 -23.40 7.68 -16.34
CA SER A 192 -23.31 8.06 -17.76
C SER A 192 -22.31 9.19 -17.98
N ASP A 193 -22.10 10.05 -16.97
CA ASP A 193 -21.22 11.19 -17.14
C ASP A 193 -19.76 10.78 -17.29
N TYR A 194 -19.41 9.55 -16.91
CA TYR A 194 -18.04 9.07 -17.10
C TYR A 194 -17.68 8.96 -18.58
N LEU A 195 -18.66 8.81 -19.46
CA LEU A 195 -18.40 8.60 -20.87
C LEU A 195 -18.25 9.88 -21.67
N GLU A 196 -18.30 11.04 -21.01
CA GLU A 196 -18.03 12.30 -21.71
C GLU A 196 -16.54 12.44 -21.96
N LEU A 197 -16.20 12.98 -23.13
CA LEU A 197 -14.80 13.02 -23.56
C LEU A 197 -13.95 13.79 -22.56
N ASP A 198 -14.41 14.95 -22.13
CA ASP A 198 -13.61 15.76 -21.22
C ASP A 198 -13.44 15.09 -19.86
N THR A 199 -14.37 14.21 -19.49
CA THR A 199 -14.24 13.51 -18.21
C THR A 199 -13.22 12.38 -18.30
N ILE A 200 -13.32 11.52 -19.31
CA ILE A 200 -12.39 10.41 -19.46
C ILE A 200 -10.98 10.93 -19.67
N LYS A 201 -10.82 11.96 -20.50
CA LYS A 201 -9.48 12.44 -20.85
C LYS A 201 -8.76 13.01 -19.63
N ASN A 202 -9.46 13.79 -18.80
CA ASN A 202 -8.84 14.32 -17.60
C ASN A 202 -8.50 13.23 -16.59
N LEU A 203 -9.32 12.18 -16.53
CA LEU A 203 -9.07 11.09 -15.60
C LEU A 203 -7.94 10.19 -16.08
N VAL A 204 -7.86 9.94 -17.39
CA VAL A 204 -6.77 9.13 -17.92
C VAL A 204 -5.45 9.87 -17.81
N LYS A 205 -5.46 11.18 -18.10
CA LYS A 205 -4.24 11.97 -17.98
C LYS A 205 -3.70 11.96 -16.56
N LYS A 206 -4.60 11.98 -15.57
CA LYS A 206 -4.17 11.99 -14.18
C LYS A 206 -3.54 10.66 -13.78
N TYR A 207 -4.14 9.55 -14.19
CA TYR A 207 -3.75 8.23 -13.71
C TYR A 207 -2.74 7.53 -14.61
N SER A 208 -2.22 8.21 -15.64
CA SER A 208 -1.26 7.60 -16.55
C SER A 208 0.02 8.42 -16.70
N GLN A 209 0.21 9.46 -15.88
CA GLN A 209 1.41 10.28 -16.00
C GLN A 209 2.68 9.54 -15.60
N PHE A 210 2.57 8.41 -14.92
CA PHE A 210 3.72 7.62 -14.51
C PHE A 210 3.78 6.26 -15.20
N ILE A 211 2.88 6.00 -16.14
CA ILE A 211 2.91 4.75 -16.89
C ILE A 211 3.90 4.89 -18.04
N ASN A 212 4.82 3.94 -18.15
CA ASN A 212 5.87 4.02 -19.17
C ASN A 212 5.33 3.76 -20.57
N PHE A 213 4.19 3.12 -20.69
CA PHE A 213 3.69 2.83 -22.03
C PHE A 213 2.77 3.94 -22.52
N PRO A 214 2.73 4.18 -23.82
CA PRO A 214 1.82 5.21 -24.34
C PRO A 214 0.37 4.79 -24.20
N ILE A 215 -0.45 5.74 -23.75
CA ILE A 215 -1.87 5.50 -23.50
C ILE A 215 -2.68 6.52 -24.29
N TYR A 216 -3.61 6.03 -25.09
CA TYR A 216 -4.38 6.85 -26.01
C TYR A 216 -5.86 6.81 -25.66
N VAL A 217 -6.55 7.92 -25.96
CA VAL A 217 -8.00 8.02 -25.82
C VAL A 217 -8.57 8.49 -27.15
N TRP A 218 -9.58 7.77 -27.64
CA TRP A 218 -10.26 8.13 -28.88
C TRP A 218 -10.95 9.48 -28.70
N SER A 219 -10.41 10.52 -29.31
CA SER A 219 -10.88 11.88 -29.10
C SER A 219 -11.22 12.53 -30.44
N SER A 220 -11.84 13.70 -30.38
CA SER A 220 -12.35 14.41 -31.53
C SER A 220 -11.61 15.73 -31.72
N LYS A 221 -11.40 16.11 -32.98
CA LYS A 221 -10.76 17.36 -33.34
C LYS A 221 -11.56 18.02 -34.45
N THR A 222 -11.84 19.31 -34.30
CA THR A 222 -12.58 20.05 -35.32
C THR A 222 -11.76 21.22 -35.86
N THR A 228 -15.01 17.82 -38.26
CA THR A 228 -14.74 17.02 -37.08
C THR A 228 -14.09 15.69 -37.45
N VAL A 229 -12.88 15.47 -36.95
CA VAL A 229 -12.14 14.25 -37.21
C VAL A 229 -11.90 13.54 -35.88
N TRP A 230 -11.88 12.21 -35.94
CA TRP A 230 -11.65 11.37 -34.77
C TRP A 230 -10.35 10.59 -34.96
N ASP A 231 -9.53 10.56 -33.92
CA ASP A 231 -8.28 9.81 -33.95
C ASP A 231 -7.79 9.62 -32.52
N TRP A 232 -6.81 8.73 -32.37
CA TRP A 232 -6.19 8.51 -31.07
C TRP A 232 -5.42 9.76 -30.63
N GLU A 233 -5.52 10.08 -29.35
CA GLU A 233 -4.81 11.21 -28.77
C GLU A 233 -3.96 10.70 -27.61
N LEU A 234 -2.65 10.93 -27.68
CA LEU A 234 -1.75 10.53 -26.62
C LEU A 234 -2.05 11.33 -25.35
N MET A 235 -2.16 10.63 -24.22
CA MET A 235 -2.50 11.28 -22.95
C MET A 235 -1.33 11.37 -21.98
N ASN A 236 -0.22 10.68 -22.25
CA ASN A 236 0.92 10.70 -21.35
C ASN A 236 2.23 10.91 -22.10
N PHE B 12 16.39 -5.51 -9.65
CA PHE B 12 15.10 -6.17 -9.80
C PHE B 12 13.99 -5.31 -9.19
N ALA B 13 13.14 -5.94 -8.38
CA ALA B 13 12.13 -5.20 -7.62
C ALA B 13 12.72 -4.44 -6.46
N PHE B 14 14.05 -4.46 -6.30
CA PHE B 14 14.69 -3.62 -5.29
C PHE B 14 14.40 -2.15 -5.53
N GLN B 15 14.33 -1.73 -6.80
CA GLN B 15 14.01 -0.34 -7.10
C GLN B 15 12.54 -0.03 -6.88
N ALA B 16 11.66 -1.02 -7.05
CA ALA B 16 10.24 -0.78 -6.81
C ALA B 16 9.96 -0.53 -5.34
N GLU B 17 10.66 -1.23 -4.44
CA GLU B 17 10.42 -1.08 -3.02
C GLU B 17 10.95 0.24 -2.50
N VAL B 18 12.17 0.62 -2.89
CA VAL B 18 12.73 1.89 -2.42
C VAL B 18 11.90 3.05 -2.93
N ASN B 19 11.39 2.95 -4.16
CA ASN B 19 10.49 3.97 -4.69
C ASN B 19 9.29 4.15 -3.78
N ARG B 20 8.70 3.04 -3.32
CA ARG B 20 7.62 3.12 -2.35
C ARG B 20 8.10 3.73 -1.04
N MET B 21 9.34 3.43 -0.65
CA MET B 21 9.85 3.93 0.63
C MET B 21 10.09 5.43 0.59
N MET B 22 10.68 5.93 -0.50
CA MET B 22 10.87 7.38 -0.63
C MET B 22 9.53 8.09 -0.61
N LYS B 23 8.50 7.51 -1.23
CA LYS B 23 7.18 8.12 -1.26
C LYS B 23 6.59 8.26 0.13
N LEU B 24 6.62 7.18 0.92
CA LEU B 24 5.95 7.18 2.21
C LEU B 24 6.68 8.05 3.22
N ILE B 25 8.01 8.06 3.19
CA ILE B 25 8.78 8.82 4.17
C ILE B 25 8.62 10.32 3.91
N ILE B 26 8.78 10.75 2.65
CA ILE B 26 8.62 12.16 2.34
C ILE B 26 7.17 12.60 2.51
N ASN B 27 6.22 11.69 2.27
CA ASN B 27 4.81 12.02 2.51
C ASN B 27 4.58 12.37 3.97
N SER B 28 5.13 11.58 4.89
CA SER B 28 4.98 11.85 6.31
C SER B 28 5.67 13.15 6.73
N LEU B 29 6.64 13.63 5.95
CA LEU B 29 7.30 14.88 6.26
C LEU B 29 6.34 16.07 6.19
N TYR B 30 5.21 15.92 5.50
CA TYR B 30 4.20 16.97 5.48
C TYR B 30 3.33 16.94 6.75
N LYS B 31 2.96 15.75 7.20
CA LYS B 31 2.02 15.59 8.30
C LYS B 31 2.76 15.13 9.56
N ASN B 32 3.56 16.03 10.11
CA ASN B 32 4.15 15.94 11.45
C ASN B 32 5.13 14.78 11.62
N LYS B 33 5.59 14.15 10.53
CA LYS B 33 6.62 13.11 10.58
C LYS B 33 6.25 11.98 11.53
N GLU B 34 4.99 11.54 11.48
CA GLU B 34 4.49 10.57 12.45
C GLU B 34 4.64 9.13 12.00
N ILE B 35 5.13 8.87 10.78
CA ILE B 35 5.15 7.51 10.27
C ILE B 35 6.14 6.64 11.03
N PHE B 36 7.16 7.24 11.65
CA PHE B 36 8.12 6.44 12.42
C PHE B 36 7.44 5.76 13.60
N LEU B 37 6.44 6.42 14.20
CA LEU B 37 5.76 5.84 15.36
C LEU B 37 4.76 4.78 14.93
N ARG B 38 4.07 4.99 13.80
CA ARG B 38 3.19 3.96 13.27
C ARG B 38 3.97 2.69 12.95
N GLU B 39 5.16 2.84 12.36
CA GLU B 39 5.97 1.68 12.01
C GLU B 39 6.54 1.00 13.25
N LEU B 40 6.89 1.78 14.27
CA LEU B 40 7.34 1.18 15.52
C LEU B 40 6.26 0.30 16.13
N ILE B 41 5.01 0.75 16.10
CA ILE B 41 3.90 -0.03 16.63
C ILE B 41 3.60 -1.20 15.72
N SER B 42 3.62 -0.99 14.40
CA SER B 42 3.29 -2.05 13.46
C SER B 42 4.33 -3.16 13.49
N ASN B 43 5.61 -2.81 13.43
CA ASN B 43 6.66 -3.83 13.42
C ASN B 43 6.69 -4.60 14.72
N ALA B 44 6.40 -3.94 15.85
CA ALA B 44 6.30 -4.65 17.12
C ALA B 44 5.12 -5.61 17.11
N SER B 45 4.01 -5.21 16.48
CA SER B 45 2.85 -6.08 16.39
C SER B 45 3.15 -7.31 15.55
N ASP B 46 3.88 -7.13 14.44
CA ASP B 46 4.24 -8.27 13.61
C ASP B 46 5.20 -9.21 14.33
N ALA B 47 6.12 -8.66 15.13
CA ALA B 47 7.02 -9.50 15.91
C ALA B 47 6.26 -10.31 16.95
N LEU B 48 5.19 -9.75 17.52
CA LEU B 48 4.36 -10.51 18.44
C LEU B 48 3.53 -11.56 17.70
N ASP B 49 3.14 -11.28 16.46
CA ASP B 49 2.39 -12.25 15.68
C ASP B 49 3.22 -13.49 15.39
N LYS B 50 4.53 -13.32 15.20
CA LYS B 50 5.37 -14.46 14.82
C LYS B 50 5.66 -15.37 16.02
N ILE B 51 5.86 -14.80 17.20
CA ILE B 51 6.14 -15.64 18.37
C ILE B 51 4.89 -16.40 18.80
N ARG B 52 3.71 -15.85 18.54
CA ARG B 52 2.48 -16.59 18.82
C ARG B 52 2.27 -17.70 17.81
N LEU B 53 2.66 -17.46 16.55
CA LEU B 53 2.61 -18.52 15.55
C LEU B 53 3.56 -19.65 15.91
N ILE B 54 4.75 -19.32 16.40
CA ILE B 54 5.71 -20.34 16.80
C ILE B 54 5.20 -21.11 18.01
N SER B 55 4.51 -20.43 18.93
CA SER B 55 4.00 -21.07 20.14
C SER B 55 2.93 -22.11 19.85
N LEU B 56 2.45 -22.21 18.61
CA LEU B 56 1.50 -23.27 18.26
C LEU B 56 2.21 -24.62 18.15
N THR B 57 3.42 -24.62 17.58
CA THR B 57 4.21 -25.85 17.45
C THR B 57 5.07 -26.10 18.68
N ASP B 58 5.96 -25.16 18.99
CA ASP B 58 6.73 -25.22 20.22
C ASP B 58 5.79 -25.06 21.42
N GLU B 59 5.99 -25.89 22.44
CA GLU B 59 5.15 -25.83 23.63
C GLU B 59 5.67 -24.84 24.67
N ASN B 60 6.98 -24.65 24.72
CA ASN B 60 7.62 -23.67 25.60
C ASN B 60 8.27 -22.54 24.82
N ALA B 61 7.60 -22.06 23.77
CA ALA B 61 8.14 -20.95 22.99
C ALA B 61 8.06 -19.62 23.74
N LEU B 62 7.17 -19.50 24.70
CA LEU B 62 6.98 -18.27 25.46
C LEU B 62 7.52 -18.38 26.88
N ALA B 63 8.38 -19.34 27.16
CA ALA B 63 8.88 -19.55 28.52
C ALA B 63 9.76 -18.40 28.97
N GLY B 64 10.39 -17.68 28.04
CA GLY B 64 11.22 -16.56 28.43
C GLY B 64 10.41 -15.35 28.89
N ASN B 65 9.21 -15.18 28.34
CA ASN B 65 8.34 -14.07 28.74
C ASN B 65 6.92 -14.47 28.38
N GLU B 66 6.10 -14.74 29.39
CA GLU B 66 4.76 -15.29 29.18
C GLU B 66 3.75 -14.26 28.70
N GLU B 67 4.12 -12.99 28.60
CA GLU B 67 3.21 -11.94 28.18
C GLU B 67 3.52 -11.49 26.76
N LEU B 68 2.52 -10.89 26.13
CA LEU B 68 2.60 -10.41 24.75
C LEU B 68 2.11 -8.97 24.74
N THR B 69 3.04 -8.03 24.93
CA THR B 69 2.67 -6.63 25.12
C THR B 69 3.58 -5.72 24.32
N VAL B 70 3.24 -4.44 24.33
CA VAL B 70 4.08 -3.35 23.81
C VAL B 70 4.09 -2.26 24.86
N LYS B 71 5.27 -1.92 25.36
CA LYS B 71 5.41 -0.95 26.44
C LYS B 71 6.31 0.19 25.99
N ILE B 72 5.79 1.41 26.06
CA ILE B 72 6.47 2.59 25.56
C ILE B 72 6.77 3.50 26.75
N LYS B 73 8.04 3.88 26.90
CA LYS B 73 8.50 4.72 28.00
C LYS B 73 9.32 5.87 27.44
N CYS B 74 9.04 7.08 27.92
CA CYS B 74 9.79 8.27 27.52
C CYS B 74 10.83 8.61 28.59
N ASP B 75 11.86 9.35 28.16
CA ASP B 75 12.98 9.75 29.02
C ASP B 75 13.30 11.21 28.66
N LYS B 76 12.51 12.13 29.21
CA LYS B 76 12.61 13.53 28.82
C LYS B 76 13.98 14.12 29.15
N GLU B 77 14.52 13.79 30.32
CA GLU B 77 15.82 14.34 30.70
C GLU B 77 16.93 13.83 29.81
N LYS B 78 16.83 12.60 29.31
CA LYS B 78 17.83 12.01 28.43
C LYS B 78 17.47 12.15 26.96
N ASN B 79 16.26 12.62 26.64
CA ASN B 79 15.79 12.76 25.27
C ASN B 79 15.86 11.42 24.53
N LEU B 80 15.31 10.39 25.14
CA LEU B 80 15.26 9.05 24.58
C LEU B 80 13.82 8.56 24.52
N LEU B 81 13.55 7.71 23.53
CA LEU B 81 12.24 7.07 23.37
C LEU B 81 12.44 5.57 23.27
N HIS B 82 11.80 4.83 24.15
CA HIS B 82 11.93 3.38 24.20
C HIS B 82 10.60 2.74 23.83
N VAL B 83 10.65 1.73 22.96
CA VAL B 83 9.48 0.94 22.58
C VAL B 83 9.86 -0.53 22.72
N THR B 84 9.28 -1.20 23.71
CA THR B 84 9.64 -2.57 24.04
C THR B 84 8.46 -3.49 23.77
N ASP B 85 8.69 -4.52 22.96
CA ASP B 85 7.72 -5.57 22.72
C ASP B 85 8.32 -6.91 23.10
N THR B 86 7.45 -7.86 23.41
CA THR B 86 7.85 -9.23 23.78
C THR B 86 7.64 -10.20 22.63
N GLY B 87 8.01 -9.80 21.42
CA GLY B 87 7.84 -10.64 20.25
C GLY B 87 8.92 -11.71 20.15
N VAL B 88 9.08 -12.23 18.92
CA VAL B 88 10.01 -13.32 18.68
C VAL B 88 11.45 -12.88 18.96
N GLY B 89 11.75 -11.60 18.76
CA GLY B 89 13.10 -11.12 18.96
C GLY B 89 13.97 -11.41 17.76
N MET B 90 15.28 -11.18 17.95
CA MET B 90 16.24 -11.36 16.87
C MET B 90 17.53 -11.92 17.42
N THR B 91 18.09 -12.89 16.70
CA THR B 91 19.40 -13.43 17.04
C THR B 91 20.50 -12.44 16.63
N ARG B 92 21.71 -12.72 17.08
CA ARG B 92 22.84 -11.88 16.66
C ARG B 92 23.05 -11.96 15.17
N GLU B 93 22.88 -13.14 14.59
CA GLU B 93 22.99 -13.29 13.14
C GLU B 93 21.91 -12.49 12.43
N GLU B 94 20.72 -12.40 13.01
CA GLU B 94 19.66 -11.62 12.39
C GLU B 94 19.89 -10.13 12.55
N LEU B 95 20.56 -9.72 13.63
CA LEU B 95 20.92 -8.31 13.77
C LEU B 95 21.99 -7.90 12.76
N VAL B 96 22.93 -8.81 12.47
CA VAL B 96 24.00 -8.51 11.52
C VAL B 96 23.42 -8.28 10.13
N LYS B 97 22.42 -9.08 9.75
CA LYS B 97 21.80 -8.89 8.44
C LYS B 97 20.88 -7.68 8.41
N ASN B 98 20.31 -7.31 9.56
CA ASN B 98 19.30 -6.26 9.70
C ASN B 98 18.34 -6.25 8.52
N LEU B 99 18.28 -5.13 7.79
CA LEU B 99 17.42 -5.01 6.61
C LEU B 99 18.22 -5.08 5.31
N GLY B 100 19.44 -5.63 5.35
CA GLY B 100 20.22 -5.86 4.16
C GLY B 100 20.91 -4.65 3.58
N THR B 101 20.84 -3.48 4.23
CA THR B 101 21.44 -2.28 3.71
C THR B 101 22.45 -1.63 4.65
N ILE B 102 22.55 -2.08 5.89
CA ILE B 102 23.42 -1.47 6.89
C ILE B 102 24.65 -2.36 7.05
N ALA B 103 25.82 -1.81 6.75
CA ALA B 103 27.06 -2.55 6.81
C ALA B 103 27.72 -2.40 8.17
N LYS B 104 28.61 -3.33 8.49
CA LYS B 104 29.36 -3.25 9.74
C LYS B 104 30.25 -2.02 9.74
N SER B 105 30.52 -1.50 10.93
CA SER B 105 31.25 -0.25 11.06
C SER B 105 32.65 -0.36 10.48
N GLY B 106 32.99 0.57 9.58
CA GLY B 106 34.29 0.62 8.96
C GLY B 106 34.45 -0.21 7.71
N THR B 107 33.37 -0.81 7.20
CA THR B 107 33.45 -1.68 6.03
C THR B 107 32.61 -1.17 4.86
N SER B 108 32.29 0.13 4.85
CA SER B 108 31.48 0.66 3.75
C SER B 108 32.30 0.96 2.52
N GLU B 109 33.59 1.26 2.68
CA GLU B 109 34.43 1.63 1.55
C GLU B 109 34.67 0.47 0.57
N PHE B 110 34.24 -0.75 0.91
CA PHE B 110 34.50 -1.91 0.07
C PHE B 110 33.22 -2.67 -0.26
N LEU B 111 32.06 -2.03 -0.18
CA LEU B 111 30.77 -2.66 -0.46
C LEU B 111 30.55 -3.90 0.40
N GLN B 122 16.16 -14.85 3.15
CA GLN B 122 15.34 -13.78 2.59
C GLN B 122 16.18 -12.81 1.76
N SER B 123 15.72 -12.52 0.55
CA SER B 123 16.41 -11.56 -0.29
C SER B 123 16.32 -10.16 0.30
N THR B 124 17.20 -9.29 -0.18
CA THR B 124 17.29 -7.93 0.35
C THR B 124 15.99 -7.16 0.09
N SER B 125 15.54 -7.15 -1.16
CA SER B 125 14.41 -6.32 -1.56
C SER B 125 13.16 -6.59 -0.73
N GLU B 126 13.00 -7.82 -0.25
CA GLU B 126 11.86 -8.11 0.62
C GLU B 126 11.97 -7.41 1.97
N LEU B 127 13.21 -7.08 2.40
CA LEU B 127 13.39 -6.47 3.71
C LEU B 127 13.06 -4.98 3.71
N ILE B 128 13.38 -4.28 2.62
CA ILE B 128 13.05 -2.85 2.55
C ILE B 128 11.55 -2.64 2.45
N GLY B 129 10.86 -3.48 1.67
CA GLY B 129 9.42 -3.36 1.56
C GLY B 129 8.70 -3.58 2.88
N GLN B 130 9.33 -4.32 3.80
CA GLN B 130 8.75 -4.60 5.11
C GLN B 130 9.28 -3.69 6.20
N PHE B 131 10.60 -3.52 6.30
CA PHE B 131 11.21 -2.77 7.39
C PHE B 131 11.88 -1.48 6.96
N GLY B 132 12.02 -1.23 5.65
CA GLY B 132 12.75 -0.06 5.20
C GLY B 132 12.09 1.24 5.67
N VAL B 133 10.77 1.33 5.53
CA VAL B 133 10.06 2.52 5.94
C VAL B 133 10.25 2.78 7.43
N GLY B 134 10.19 1.72 8.24
CA GLY B 134 10.29 1.90 9.68
C GLY B 134 11.68 2.32 10.13
N PHE B 135 12.71 1.77 9.50
CA PHE B 135 14.08 2.09 9.93
C PHE B 135 14.48 3.49 9.51
N TYR B 136 14.31 3.82 8.23
CA TYR B 136 14.82 5.08 7.72
C TYR B 136 14.00 6.28 8.18
N SER B 137 12.70 6.08 8.42
CA SER B 137 11.87 7.19 8.89
C SER B 137 12.16 7.54 10.34
N ALA B 138 12.78 6.64 11.10
CA ALA B 138 13.16 6.94 12.48
C ALA B 138 14.15 8.08 12.54
N PHE B 139 14.92 8.31 11.49
CA PHE B 139 15.89 9.39 11.44
C PHE B 139 15.27 10.72 11.03
N LEU B 140 13.94 10.78 10.95
CA LEU B 140 13.26 12.07 10.88
C LEU B 140 13.35 12.81 12.20
N VAL B 141 13.51 12.07 13.31
CA VAL B 141 13.47 12.67 14.64
C VAL B 141 14.64 12.17 15.49
N ALA B 142 15.36 11.16 15.00
CA ALA B 142 16.42 10.54 15.79
C ALA B 142 17.75 10.60 15.04
N ASP B 143 18.84 10.67 15.82
CA ASP B 143 20.18 10.62 15.27
C ASP B 143 20.76 9.21 15.28
N LYS B 144 20.38 8.39 16.24
CA LYS B 144 20.80 7.00 16.33
C LYS B 144 19.58 6.12 16.56
N VAL B 145 19.62 4.91 16.02
CA VAL B 145 18.62 3.88 16.26
C VAL B 145 19.32 2.73 16.95
N ILE B 146 18.93 2.45 18.19
CA ILE B 146 19.54 1.41 19.01
C ILE B 146 18.53 0.29 19.21
N VAL B 147 18.95 -0.93 18.90
CA VAL B 147 18.07 -2.10 18.96
C VAL B 147 18.61 -3.05 20.02
N THR B 148 17.79 -3.36 21.02
CA THR B 148 18.11 -4.34 22.04
C THR B 148 17.16 -5.52 21.86
N SER B 149 17.72 -6.69 21.56
CA SER B 149 16.89 -7.84 21.19
C SER B 149 17.36 -9.09 21.92
N LYS B 150 16.40 -9.94 22.28
CA LYS B 150 16.65 -11.22 22.91
C LYS B 150 15.81 -12.28 22.22
N HIS B 151 16.46 -13.24 21.60
CA HIS B 151 15.81 -14.33 20.89
C HIS B 151 16.05 -15.64 21.65
N ASN B 152 15.12 -16.58 21.46
CA ASN B 152 15.30 -17.90 22.07
C ASN B 152 16.52 -18.59 21.51
N ASN B 153 17.25 -19.30 22.39
CA ASN B 153 18.46 -20.03 22.02
C ASN B 153 19.58 -19.09 21.56
N ASP B 154 19.56 -17.85 22.04
CA ASP B 154 20.63 -16.91 21.77
C ASP B 154 20.67 -15.88 22.89
N THR B 155 21.83 -15.22 23.02
CA THR B 155 22.00 -14.21 24.05
C THR B 155 21.42 -12.87 23.62
N GLN B 156 21.36 -11.94 24.56
CA GLN B 156 20.80 -10.62 24.30
C GLN B 156 21.90 -9.68 23.80
N HIS B 157 21.61 -8.96 22.72
CA HIS B 157 22.58 -8.10 22.08
C HIS B 157 22.01 -6.69 21.93
N ILE B 158 22.92 -5.72 21.78
CA ILE B 158 22.57 -4.34 21.49
C ILE B 158 23.12 -3.98 20.12
N TRP B 159 22.31 -3.29 19.33
CA TRP B 159 22.61 -3.00 17.94
C TRP B 159 22.32 -1.53 17.68
N GLU B 160 23.36 -0.76 17.36
CA GLU B 160 23.25 0.68 17.16
C GLU B 160 23.70 1.05 15.76
N SER B 161 22.94 1.94 15.11
CA SER B 161 23.23 2.36 13.75
C SER B 161 23.13 3.88 13.64
N ASP B 162 23.86 4.43 12.68
CA ASP B 162 23.80 5.85 12.32
C ASP B 162 23.13 6.04 10.96
N SER B 163 22.23 5.12 10.61
CA SER B 163 21.49 5.05 9.34
C SER B 163 22.33 4.44 8.22
N ASN B 164 23.65 4.42 8.38
CA ASN B 164 24.54 3.89 7.34
C ASN B 164 25.27 2.64 7.81
N GLU B 165 26.01 2.70 8.91
CA GLU B 165 26.72 1.56 9.45
C GLU B 165 26.14 1.15 10.79
N PHE B 166 26.61 0.02 11.30
CA PHE B 166 26.12 -0.50 12.57
C PHE B 166 27.26 -1.09 13.37
N SER B 167 26.99 -1.30 14.66
CA SER B 167 27.87 -2.05 15.55
C SER B 167 26.98 -2.83 16.51
N VAL B 168 27.38 -4.07 16.81
CA VAL B 168 26.59 -4.96 17.65
C VAL B 168 27.48 -5.56 18.72
N ILE B 169 27.00 -5.52 19.96
CA ILE B 169 27.71 -6.09 21.11
C ILE B 169 26.73 -6.94 21.90
N ALA B 170 27.28 -7.88 22.67
CA ALA B 170 26.47 -8.60 23.65
C ALA B 170 26.11 -7.67 24.79
N ASP B 171 24.86 -7.72 25.22
CA ASP B 171 24.37 -6.81 26.24
C ASP B 171 25.12 -7.04 27.54
N PRO B 172 25.77 -6.00 28.11
CA PRO B 172 26.50 -6.20 29.37
C PRO B 172 25.60 -6.58 30.53
N ARG B 173 24.30 -6.28 30.46
CA ARG B 173 23.37 -6.62 31.51
C ARG B 173 22.85 -8.05 31.41
N GLY B 174 23.09 -8.74 30.29
CA GLY B 174 22.59 -10.09 30.13
C GLY B 174 21.18 -10.10 29.56
N ASN B 175 20.44 -11.15 29.93
CA ASN B 175 19.08 -11.35 29.44
C ASN B 175 18.12 -10.58 30.34
N THR B 176 17.89 -9.31 30.00
CA THR B 176 16.96 -8.47 30.74
C THR B 176 15.57 -8.43 30.13
N LEU B 177 15.44 -8.77 28.84
CA LEU B 177 14.15 -8.75 28.17
C LEU B 177 13.38 -10.06 28.30
N GLY B 178 14.07 -11.18 28.52
CA GLY B 178 13.43 -12.47 28.47
C GLY B 178 13.22 -12.91 27.03
N ARG B 179 12.52 -12.08 26.27
CA ARG B 179 12.26 -12.30 24.86
C ARG B 179 11.62 -11.04 24.28
N GLY B 180 12.07 -10.63 23.10
CA GLY B 180 11.48 -9.48 22.43
C GLY B 180 12.55 -8.51 21.98
N THR B 181 12.13 -7.27 21.76
CA THR B 181 12.99 -6.24 21.19
C THR B 181 12.62 -4.88 21.75
N THR B 182 13.64 -4.13 22.17
CA THR B 182 13.47 -2.74 22.59
C THR B 182 14.14 -1.84 21.56
N ILE B 183 13.34 -1.02 20.88
CA ILE B 183 13.86 -0.02 19.97
C ILE B 183 14.05 1.28 20.76
N THR B 184 15.29 1.78 20.77
CA THR B 184 15.61 3.03 21.44
C THR B 184 15.99 4.07 20.39
N LEU B 185 15.34 5.22 20.44
CA LEU B 185 15.60 6.32 19.52
C LEU B 185 16.31 7.43 20.26
N VAL B 186 17.54 7.74 19.82
CA VAL B 186 18.25 8.91 20.34
C VAL B 186 17.73 10.14 19.62
N LEU B 187 16.72 10.77 20.21
CA LEU B 187 16.02 11.87 19.55
C LEU B 187 16.89 13.11 19.46
N LYS B 188 16.72 13.85 18.36
CA LYS B 188 17.28 15.19 18.28
C LYS B 188 16.54 16.11 19.24
N GLU B 189 17.23 17.16 19.71
CA GLU B 189 16.56 18.15 20.53
C GLU B 189 15.53 18.94 19.73
N GLU B 190 15.59 18.88 18.40
CA GLU B 190 14.55 19.49 17.57
C GLU B 190 13.21 18.79 17.78
N ALA B 191 13.24 17.51 18.15
CA ALA B 191 12.02 16.73 18.37
C ALA B 191 11.78 16.45 19.85
N SER B 192 12.17 17.38 20.72
CA SER B 192 11.98 17.19 22.15
C SER B 192 10.50 17.18 22.52
N ASP B 193 9.67 17.92 21.79
CA ASP B 193 8.24 17.98 22.08
C ASP B 193 7.57 16.62 21.89
N TYR B 194 8.22 15.69 21.19
CA TYR B 194 7.66 14.35 21.03
C TYR B 194 7.59 13.61 22.36
N LEU B 195 8.58 13.82 23.22
CA LEU B 195 8.65 13.09 24.48
C LEU B 195 7.64 13.59 25.51
N GLU B 196 6.84 14.60 25.20
CA GLU B 196 5.79 15.01 26.12
C GLU B 196 4.73 13.92 26.23
N LEU B 197 4.25 13.69 27.46
CA LEU B 197 3.37 12.56 27.72
C LEU B 197 2.10 12.63 26.86
N ASP B 198 1.43 13.79 26.86
CA ASP B 198 0.18 13.90 26.13
C ASP B 198 0.39 13.81 24.62
N THR B 199 1.59 14.17 24.14
CA THR B 199 1.88 14.01 22.71
C THR B 199 2.04 12.54 22.35
N ILE B 200 2.84 11.81 23.13
CA ILE B 200 3.06 10.39 22.87
C ILE B 200 1.77 9.61 23.06
N LYS B 201 1.03 9.90 24.14
CA LYS B 201 -0.18 9.13 24.45
C LYS B 201 -1.22 9.28 23.35
N ASN B 202 -1.45 10.52 22.90
CA ASN B 202 -2.43 10.74 21.84
CA ASN B 202 -2.44 10.74 21.83
C ASN B 202 -2.01 10.07 20.54
N LEU B 203 -0.70 10.03 20.26
CA LEU B 203 -0.23 9.39 19.04
C LEU B 203 -0.28 7.87 19.13
N VAL B 204 0.12 7.31 20.27
CA VAL B 204 0.05 5.86 20.45
C VAL B 204 -1.40 5.40 20.46
N LYS B 205 -2.29 6.17 21.07
CA LYS B 205 -3.71 5.84 21.06
C LYS B 205 -4.26 5.79 19.63
N LYS B 206 -3.79 6.69 18.76
CA LYS B 206 -4.28 6.72 17.39
C LYS B 206 -3.78 5.53 16.59
N TYR B 207 -2.49 5.24 16.67
CA TYR B 207 -1.85 4.26 15.80
C TYR B 207 -1.93 2.83 16.34
N SER B 208 -2.57 2.61 17.49
CA SER B 208 -2.67 1.27 18.05
C SER B 208 -4.11 0.83 18.28
N GLN B 209 -5.09 1.59 17.79
CA GLN B 209 -6.48 1.24 18.02
C GLN B 209 -6.89 -0.04 17.30
N PHE B 210 -6.13 -0.47 16.29
CA PHE B 210 -6.43 -1.70 15.56
C PHE B 210 -5.39 -2.78 15.81
N ILE B 211 -4.51 -2.60 16.79
CA ILE B 211 -3.51 -3.60 17.15
C ILE B 211 -4.14 -4.58 18.13
N ASN B 212 -3.97 -5.88 17.84
CA ASN B 212 -4.60 -6.92 18.65
C ASN B 212 -3.99 -7.01 20.03
N PHE B 213 -2.68 -6.76 20.12
CA PHE B 213 -1.97 -6.93 21.37
C PHE B 213 -2.09 -5.67 22.23
N PRO B 214 -2.05 -5.81 23.55
CA PRO B 214 -2.14 -4.63 24.42
C PRO B 214 -0.87 -3.79 24.33
N ILE B 215 -1.06 -2.48 24.31
CA ILE B 215 0.04 -1.52 24.19
C ILE B 215 -0.07 -0.53 25.34
N TYR B 216 1.01 -0.36 26.08
CA TYR B 216 1.04 0.48 27.27
C TYR B 216 2.01 1.63 27.09
N VAL B 217 1.74 2.73 27.79
CA VAL B 217 2.63 3.89 27.86
C VAL B 217 2.85 4.23 29.32
N TRP B 218 4.10 4.38 29.72
CA TRP B 218 4.45 4.78 31.08
C TRP B 218 3.89 6.16 31.37
N SER B 219 2.78 6.22 32.12
CA SER B 219 2.06 7.46 32.36
C SER B 219 2.02 7.76 33.86
N SER B 220 1.47 8.94 34.18
CA SER B 220 1.41 9.42 35.54
C SER B 220 -0.01 9.86 35.88
N LYS B 221 -0.38 9.65 37.14
CA LYS B 221 -1.69 10.08 37.63
C LYS B 221 -1.54 10.96 38.86
N THR B 228 1.95 11.95 43.12
CA THR B 228 2.08 11.54 41.72
C THR B 228 2.66 10.12 41.63
N VAL B 229 1.88 9.21 41.05
CA VAL B 229 2.28 7.82 40.88
C VAL B 229 2.45 7.53 39.40
N TRP B 230 3.43 6.68 39.09
CA TRP B 230 3.73 6.28 37.72
C TRP B 230 3.45 4.79 37.56
N ASP B 231 2.75 4.45 36.48
CA ASP B 231 2.48 3.05 36.14
C ASP B 231 2.09 2.98 34.68
N TRP B 232 2.03 1.76 34.16
CA TRP B 232 1.61 1.55 32.79
C TRP B 232 0.13 1.94 32.62
N GLU B 233 -0.19 2.47 31.43
CA GLU B 233 -1.56 2.81 31.09
C GLU B 233 -1.91 2.19 29.75
N LEU B 234 -2.99 1.42 29.72
CA LEU B 234 -3.44 0.79 28.48
C LEU B 234 -3.97 1.85 27.52
N MET B 235 -3.52 1.78 26.27
CA MET B 235 -3.91 2.76 25.26
C MET B 235 -4.91 2.22 24.24
N ASN B 236 -5.02 0.90 24.10
CA ASN B 236 -5.91 0.32 23.11
C ASN B 236 -6.85 -0.71 23.73
N GLU C 10 -31.36 10.94 -3.05
CA GLU C 10 -32.15 10.27 -2.02
C GLU C 10 -31.62 10.57 -0.62
N LYS C 11 -32.33 10.06 0.39
CA LYS C 11 -31.96 10.35 1.77
C LYS C 11 -30.61 9.75 2.13
N PHE C 12 -30.48 8.43 2.00
CA PHE C 12 -29.23 7.76 2.34
C PHE C 12 -28.56 7.21 1.08
N ALA C 13 -28.18 8.11 0.17
CA ALA C 13 -27.55 7.68 -1.08
C ALA C 13 -26.22 7.00 -0.82
N PHE C 14 -25.36 7.62 0.00
CA PHE C 14 -24.05 7.05 0.26
C PHE C 14 -24.16 5.74 1.04
N GLN C 15 -25.06 5.69 2.02
CA GLN C 15 -25.22 4.47 2.82
C GLN C 15 -25.74 3.32 1.99
N ALA C 16 -26.73 3.59 1.12
CA ALA C 16 -27.28 2.52 0.29
C ALA C 16 -26.25 2.01 -0.71
N GLU C 17 -25.36 2.88 -1.20
CA GLU C 17 -24.32 2.43 -2.11
C GLU C 17 -23.22 1.64 -1.40
N VAL C 18 -22.98 1.94 -0.13
CA VAL C 18 -22.00 1.16 0.63
C VAL C 18 -22.50 -0.26 0.83
N ASN C 19 -23.76 -0.40 1.29
CA ASN C 19 -24.31 -1.73 1.51
C ASN C 19 -24.41 -2.53 0.22
N ARG C 20 -24.69 -1.87 -0.91
CA ARG C 20 -24.75 -2.58 -2.17
C ARG C 20 -23.40 -3.19 -2.52
N MET C 21 -22.33 -2.39 -2.40
CA MET C 21 -21.00 -2.91 -2.72
C MET C 21 -20.56 -3.95 -1.69
N MET C 22 -20.89 -3.76 -0.42
CA MET C 22 -20.52 -4.73 0.60
C MET C 22 -21.20 -6.07 0.36
N LYS C 23 -22.50 -6.06 0.10
CA LYS C 23 -23.20 -7.30 -0.20
C LYS C 23 -22.70 -7.92 -1.50
N LEU C 24 -22.43 -7.07 -2.51
CA LEU C 24 -21.90 -7.56 -3.78
C LEU C 24 -20.59 -8.30 -3.58
N ILE C 25 -19.66 -7.72 -2.83
CA ILE C 25 -18.34 -8.31 -2.67
C ILE C 25 -18.40 -9.52 -1.73
N ILE C 26 -19.14 -9.39 -0.62
CA ILE C 26 -19.21 -10.49 0.35
C ILE C 26 -19.86 -11.72 -0.29
N ASN C 27 -20.96 -11.52 -1.01
CA ASN C 27 -21.61 -12.64 -1.67
C ASN C 27 -20.71 -13.27 -2.72
N SER C 28 -19.95 -12.45 -3.45
CA SER C 28 -19.06 -12.98 -4.47
C SER C 28 -17.90 -13.75 -3.86
N LEU C 29 -17.41 -13.29 -2.70
CA LEU C 29 -16.24 -13.92 -2.09
C LEU C 29 -16.59 -15.25 -1.46
N TYR C 30 -17.74 -15.34 -0.79
CA TYR C 30 -18.08 -16.51 0.02
C TYR C 30 -19.19 -17.36 -0.55
N LYS C 31 -20.13 -16.77 -1.29
CA LYS C 31 -21.21 -17.48 -1.96
C LYS C 31 -22.07 -18.31 -1.00
N ASN C 32 -21.93 -18.11 0.30
CA ASN C 32 -22.72 -18.83 1.30
C ASN C 32 -23.25 -17.81 2.29
N LYS C 33 -24.58 -17.71 2.39
CA LYS C 33 -25.20 -16.76 3.30
C LYS C 33 -24.85 -17.04 4.75
N GLU C 34 -24.34 -18.24 5.06
CA GLU C 34 -23.92 -18.58 6.41
C GLU C 34 -22.67 -17.85 6.85
N ILE C 35 -22.11 -16.97 6.02
CA ILE C 35 -20.92 -16.21 6.41
C ILE C 35 -21.23 -15.30 7.60
N PHE C 36 -22.50 -14.94 7.78
CA PHE C 36 -22.86 -14.08 8.92
C PHE C 36 -22.57 -14.77 10.24
N LEU C 37 -22.83 -16.08 10.33
CA LEU C 37 -22.65 -16.79 11.59
C LEU C 37 -21.17 -17.02 11.87
N ARG C 38 -20.38 -17.32 10.83
CA ARG C 38 -18.95 -17.50 11.03
C ARG C 38 -18.29 -16.19 11.48
N GLU C 39 -18.76 -15.06 10.95
CA GLU C 39 -18.25 -13.77 11.40
C GLU C 39 -18.59 -13.51 12.86
N LEU C 40 -19.83 -13.81 13.26
CA LEU C 40 -20.22 -13.61 14.65
C LEU C 40 -19.36 -14.44 15.59
N ILE C 41 -19.02 -15.67 15.20
CA ILE C 41 -18.16 -16.51 16.01
C ILE C 41 -16.71 -16.00 15.95
N SER C 42 -16.25 -15.61 14.76
CA SER C 42 -14.87 -15.18 14.60
C SER C 42 -14.63 -13.85 15.31
N ASN C 43 -15.55 -12.90 15.18
CA ASN C 43 -15.37 -11.61 15.85
C ASN C 43 -15.45 -11.75 17.36
N ALA C 44 -16.35 -12.62 17.85
CA ALA C 44 -16.42 -12.85 19.29
C ALA C 44 -15.15 -13.51 19.81
N SER C 45 -14.50 -14.33 18.99
CA SER C 45 -13.25 -14.95 19.42
C SER C 45 -12.12 -13.94 19.49
N ASP C 46 -12.06 -13.01 18.53
CA ASP C 46 -11.03 -11.99 18.55
C ASP C 46 -11.19 -11.06 19.75
N ALA C 47 -12.44 -10.74 20.10
CA ALA C 47 -12.68 -9.92 21.29
C ALA C 47 -12.24 -10.67 22.55
N LEU C 48 -12.52 -11.97 22.62
CA LEU C 48 -12.07 -12.76 23.76
C LEU C 48 -10.55 -12.88 23.78
N ASP C 49 -9.94 -13.03 22.61
CA ASP C 49 -8.48 -13.09 22.55
C ASP C 49 -7.84 -11.79 22.99
N LYS C 50 -8.50 -10.66 22.71
CA LYS C 50 -7.96 -9.35 23.10
C LYS C 50 -7.88 -9.21 24.61
N ILE C 51 -8.98 -9.53 25.31
CA ILE C 51 -8.99 -9.36 26.76
C ILE C 51 -8.10 -10.40 27.43
N ARG C 52 -7.96 -11.58 26.83
CA ARG C 52 -7.07 -12.59 27.41
C ARG C 52 -5.61 -12.18 27.32
N LEU C 53 -5.23 -11.47 26.25
CA LEU C 53 -3.85 -10.98 26.15
C LEU C 53 -3.59 -9.89 27.17
N ILE C 54 -4.55 -9.00 27.39
CA ILE C 54 -4.45 -8.03 28.48
C ILE C 54 -4.36 -8.74 29.82
N SER C 55 -5.04 -9.89 29.94
CA SER C 55 -5.05 -10.63 31.20
C SER C 55 -3.68 -11.17 31.57
N LEU C 56 -2.74 -11.26 30.62
CA LEU C 56 -1.43 -11.80 30.91
C LEU C 56 -0.53 -10.84 31.68
N THR C 57 -0.84 -9.55 31.66
CA THR C 57 -0.09 -8.55 32.41
C THR C 57 -0.90 -7.92 33.54
N ASP C 58 -2.18 -7.66 33.31
CA ASP C 58 -3.08 -7.13 34.34
C ASP C 58 -3.86 -8.31 34.90
N GLU C 59 -3.54 -8.69 36.15
CA GLU C 59 -4.21 -9.83 36.76
C GLU C 59 -5.66 -9.50 37.12
N ASN C 60 -5.97 -8.23 37.34
CA ASN C 60 -7.33 -7.80 37.67
C ASN C 60 -8.12 -7.34 36.46
N ALA C 61 -7.72 -7.77 35.26
CA ALA C 61 -8.40 -7.32 34.05
C ALA C 61 -9.75 -8.00 33.88
N LEU C 62 -9.91 -9.21 34.41
CA LEU C 62 -11.16 -9.96 34.28
C LEU C 62 -12.09 -9.79 35.47
N ALA C 63 -11.98 -8.67 36.19
CA ALA C 63 -12.76 -8.49 37.40
C ALA C 63 -14.25 -8.40 37.10
N GLY C 64 -14.62 -7.78 35.98
CA GLY C 64 -16.02 -7.61 35.65
C GLY C 64 -16.72 -8.91 35.30
N ASN C 65 -15.98 -9.88 34.76
CA ASN C 65 -16.55 -11.18 34.40
C ASN C 65 -15.40 -12.16 34.27
N GLU C 66 -15.32 -13.13 35.18
CA GLU C 66 -14.18 -14.02 35.26
C GLU C 66 -14.23 -15.18 34.27
N GLU C 67 -15.14 -15.15 33.29
CA GLU C 67 -15.23 -16.20 32.29
C GLU C 67 -14.99 -15.63 30.90
N LEU C 68 -14.48 -16.50 30.02
CA LEU C 68 -14.21 -16.15 28.62
C LEU C 68 -14.99 -17.12 27.75
N THR C 69 -16.23 -16.75 27.43
CA THR C 69 -17.15 -17.66 26.76
C THR C 69 -17.88 -16.93 25.64
N VAL C 70 -18.46 -17.73 24.74
CA VAL C 70 -19.42 -17.27 23.74
C VAL C 70 -20.72 -18.01 23.98
N LYS C 71 -21.80 -17.25 24.13
CA LYS C 71 -23.11 -17.82 24.49
C LYS C 71 -24.14 -17.38 23.47
N ILE C 72 -24.68 -18.33 22.71
CA ILE C 72 -25.62 -18.07 21.63
C ILE C 72 -27.00 -18.53 22.08
N LYS C 73 -28.01 -17.69 21.90
CA LYS C 73 -29.37 -17.98 22.33
C LYS C 73 -30.35 -17.51 21.26
N CYS C 74 -31.37 -18.33 21.01
CA CYS C 74 -32.36 -18.04 19.98
C CYS C 74 -33.65 -17.53 20.60
N ASP C 75 -34.42 -16.80 19.77
CA ASP C 75 -35.72 -16.25 20.16
C ASP C 75 -36.63 -16.38 18.94
N LYS C 76 -37.40 -17.47 18.87
CA LYS C 76 -38.17 -17.77 17.67
C LYS C 76 -39.37 -16.86 17.53
N GLU C 77 -40.05 -16.54 18.63
CA GLU C 77 -41.27 -15.74 18.54
C GLU C 77 -40.96 -14.29 18.19
N LYS C 78 -39.81 -13.78 18.59
CA LYS C 78 -39.38 -12.43 18.24
C LYS C 78 -38.44 -12.40 17.03
N ASN C 79 -38.08 -13.56 16.49
CA ASN C 79 -37.16 -13.66 15.36
C ASN C 79 -35.86 -12.93 15.65
N LEU C 80 -35.24 -13.28 16.77
CA LEU C 80 -33.99 -12.68 17.21
C LEU C 80 -32.93 -13.74 17.41
N LEU C 81 -31.67 -13.37 17.18
CA LEU C 81 -30.53 -14.23 17.42
C LEU C 81 -29.53 -13.47 18.26
N HIS C 82 -29.15 -14.04 19.41
CA HIS C 82 -28.23 -13.40 20.34
C HIS C 82 -26.90 -14.14 20.34
N VAL C 83 -25.81 -13.37 20.27
CA VAL C 83 -24.46 -13.90 20.37
C VAL C 83 -23.75 -13.05 21.42
N THR C 84 -23.59 -13.60 22.62
CA THR C 84 -22.97 -12.89 23.73
C THR C 84 -21.60 -13.46 24.02
N ASP C 85 -20.58 -12.60 24.01
CA ASP C 85 -19.22 -12.97 24.37
C ASP C 85 -18.75 -12.07 25.50
N THR C 86 -17.86 -12.61 26.33
CA THR C 86 -17.29 -11.88 27.46
C THR C 86 -15.93 -11.31 27.12
N GLY C 87 -15.74 -10.87 25.88
CA GLY C 87 -14.47 -10.33 25.44
C GLY C 87 -14.18 -8.94 25.97
N VAL C 88 -13.29 -8.22 25.29
CA VAL C 88 -12.86 -6.91 25.77
C VAL C 88 -13.99 -5.88 25.72
N GLY C 89 -14.99 -6.09 24.88
CA GLY C 89 -16.07 -5.12 24.79
C GLY C 89 -15.63 -3.85 24.09
N MET C 90 -16.54 -2.88 24.08
CA MET C 90 -16.33 -1.62 23.39
C MET C 90 -16.75 -0.45 24.25
N THR C 91 -15.97 0.63 24.18
CA THR C 91 -16.32 1.88 24.83
C THR C 91 -17.40 2.61 24.03
N ARG C 92 -17.91 3.69 24.59
CA ARG C 92 -18.92 4.48 23.88
C ARG C 92 -18.32 5.13 22.63
N GLU C 93 -17.08 5.61 22.73
CA GLU C 93 -16.45 6.25 21.59
C GLU C 93 -16.23 5.25 20.45
N GLU C 94 -15.97 3.99 20.80
CA GLU C 94 -15.87 2.95 19.78
C GLU C 94 -17.22 2.72 19.11
N LEU C 95 -18.30 2.79 19.88
CA LEU C 95 -19.63 2.62 19.31
C LEU C 95 -20.02 3.79 18.42
N VAL C 96 -19.60 5.00 18.78
CA VAL C 96 -19.91 6.18 17.97
C VAL C 96 -19.21 6.10 16.63
N LYS C 97 -17.95 5.65 16.61
CA LYS C 97 -17.26 5.46 15.34
C LYS C 97 -17.85 4.30 14.55
N ASN C 98 -18.23 3.22 15.25
CA ASN C 98 -18.65 1.95 14.67
C ASN C 98 -17.89 1.62 13.39
N LEU C 99 -18.56 1.71 12.24
CA LEU C 99 -17.94 1.45 10.95
C LEU C 99 -17.56 2.73 10.20
N GLY C 100 -17.99 3.89 10.69
CA GLY C 100 -17.72 5.15 10.02
C GLY C 100 -18.57 5.43 8.81
N THR C 101 -19.25 4.43 8.25
CA THR C 101 -20.07 4.59 7.06
C THR C 101 -21.54 4.79 7.39
N ILE C 102 -21.93 4.70 8.67
CA ILE C 102 -23.31 4.81 9.09
C ILE C 102 -23.51 6.18 9.73
N ALA C 103 -24.42 6.96 9.16
CA ALA C 103 -24.67 8.31 9.65
C ALA C 103 -25.48 8.27 10.94
N LYS C 104 -25.29 9.30 11.76
CA LYS C 104 -26.09 9.44 12.97
C LYS C 104 -27.57 9.56 12.60
N SER C 105 -28.42 9.10 13.52
CA SER C 105 -29.86 9.13 13.27
C SER C 105 -30.35 10.58 13.17
N GLY C 106 -31.06 10.87 12.09
CA GLY C 106 -31.67 12.17 11.91
C GLY C 106 -30.73 13.30 11.57
N THR C 107 -29.64 13.03 10.87
CA THR C 107 -28.66 14.05 10.49
C THR C 107 -28.65 14.20 8.97
N SER C 108 -29.77 14.68 8.44
CA SER C 108 -29.89 14.93 7.01
C SER C 108 -31.02 15.92 6.72
N GLN C 122 -8.43 8.49 5.21
CA GLN C 122 -9.74 8.37 5.84
C GLN C 122 -9.75 7.29 6.92
N SER C 123 -10.08 7.70 8.15
CA SER C 123 -10.24 6.73 9.22
C SER C 123 -11.47 5.87 9.02
N THR C 124 -12.44 6.33 8.23
CA THR C 124 -13.61 5.51 7.93
C THR C 124 -13.22 4.28 7.12
N SER C 125 -12.23 4.41 6.24
CA SER C 125 -11.87 3.30 5.36
C SER C 125 -11.17 2.18 6.13
N GLU C 126 -10.36 2.54 7.13
CA GLU C 126 -9.69 1.51 7.93
C GLU C 126 -10.66 0.80 8.85
N LEU C 127 -11.75 1.46 9.23
CA LEU C 127 -12.79 0.79 10.02
C LEU C 127 -13.53 -0.24 9.18
N ILE C 128 -13.83 0.10 7.92
CA ILE C 128 -14.46 -0.86 7.02
C ILE C 128 -13.51 -2.03 6.75
N GLY C 129 -12.22 -1.75 6.67
CA GLY C 129 -11.25 -2.81 6.40
C GLY C 129 -11.22 -3.87 7.48
N GLN C 130 -11.34 -3.46 8.75
CA GLN C 130 -11.22 -4.40 9.86
C GLN C 130 -12.53 -5.12 10.17
N PHE C 131 -13.67 -4.42 10.11
CA PHE C 131 -14.93 -4.99 10.56
C PHE C 131 -16.05 -4.88 9.52
N GLY C 132 -15.75 -4.46 8.29
CA GLY C 132 -16.79 -4.27 7.32
C GLY C 132 -17.48 -5.56 6.91
N VAL C 133 -16.70 -6.61 6.64
CA VAL C 133 -17.29 -7.88 6.25
C VAL C 133 -18.07 -8.49 7.42
N GLY C 134 -17.52 -8.42 8.62
CA GLY C 134 -18.20 -8.98 9.78
C GLY C 134 -19.52 -8.30 10.08
N PHE C 135 -19.60 -6.99 9.83
CA PHE C 135 -20.83 -6.26 10.14
C PHE C 135 -21.85 -6.38 9.02
N TYR C 136 -21.45 -6.13 7.77
CA TYR C 136 -22.40 -6.08 6.67
C TYR C 136 -22.87 -7.47 6.26
N SER C 137 -22.15 -8.53 6.61
CA SER C 137 -22.63 -9.88 6.35
C SER C 137 -23.91 -10.17 7.13
N ALA C 138 -24.09 -9.50 8.27
CA ALA C 138 -25.29 -9.71 9.07
C ALA C 138 -26.55 -9.33 8.30
N PHE C 139 -26.45 -8.35 7.39
CA PHE C 139 -27.61 -7.89 6.64
C PHE C 139 -27.95 -8.78 5.45
N LEU C 140 -27.19 -9.85 5.24
CA LEU C 140 -27.63 -10.89 4.31
C LEU C 140 -28.81 -11.68 4.87
N VAL C 141 -28.97 -11.68 6.18
CA VAL C 141 -30.06 -12.40 6.84
C VAL C 141 -30.89 -11.54 7.78
N ALA C 142 -30.42 -10.36 8.19
CA ALA C 142 -31.10 -9.56 9.19
C ALA C 142 -31.40 -8.16 8.65
N ASP C 143 -32.34 -7.49 9.32
CA ASP C 143 -32.71 -6.13 8.95
C ASP C 143 -32.20 -5.08 9.94
N LYS C 144 -31.80 -5.47 11.14
CA LYS C 144 -31.29 -4.56 12.14
C LYS C 144 -30.30 -5.30 13.03
N VAL C 145 -29.27 -4.60 13.47
CA VAL C 145 -28.24 -5.15 14.35
C VAL C 145 -28.24 -4.36 15.64
N ILE C 146 -28.34 -5.05 16.77
CA ILE C 146 -28.35 -4.44 18.09
C ILE C 146 -27.09 -4.87 18.82
N VAL C 147 -26.34 -3.90 19.34
CA VAL C 147 -25.07 -4.15 20.02
C VAL C 147 -25.17 -3.62 21.43
N THR C 148 -25.01 -4.51 22.42
CA THR C 148 -24.89 -4.14 23.81
C THR C 148 -23.48 -4.53 24.27
N SER C 149 -22.69 -3.53 24.69
CA SER C 149 -21.28 -3.76 24.96
C SER C 149 -20.89 -3.11 26.28
N LYS C 150 -19.94 -3.74 26.97
CA LYS C 150 -19.41 -3.24 28.24
C LYS C 150 -17.91 -3.39 28.22
N HIS C 151 -17.20 -2.27 28.27
CA HIS C 151 -15.74 -2.23 28.27
C HIS C 151 -15.25 -1.79 29.63
N ASN C 152 -14.03 -2.22 29.96
CA ASN C 152 -13.43 -1.83 31.24
C ASN C 152 -13.32 -0.31 31.34
N ASN C 153 -13.59 0.20 32.54
CA ASN C 153 -13.51 1.63 32.83
C ASN C 153 -14.45 2.46 31.97
N ASP C 154 -15.57 1.89 31.55
CA ASP C 154 -16.61 2.61 30.84
C ASP C 154 -17.96 2.02 31.21
N THR C 155 -19.02 2.63 30.68
CA THR C 155 -20.39 2.31 31.01
C THR C 155 -21.03 1.47 29.91
N GLN C 156 -21.89 0.54 30.30
CA GLN C 156 -22.61 -0.28 29.34
C GLN C 156 -23.55 0.58 28.49
N HIS C 157 -23.47 0.41 27.18
CA HIS C 157 -24.30 1.14 26.23
C HIS C 157 -25.02 0.15 25.32
N ILE C 158 -26.09 0.63 24.69
CA ILE C 158 -26.82 -0.13 23.69
C ILE C 158 -26.71 0.62 22.36
N TRP C 159 -26.37 -0.10 21.30
CA TRP C 159 -26.13 0.45 19.99
C TRP C 159 -26.95 -0.33 18.97
N GLU C 160 -27.64 0.39 18.09
CA GLU C 160 -28.47 -0.24 17.07
C GLU C 160 -28.32 0.51 15.76
N SER C 161 -28.52 -0.21 14.66
CA SER C 161 -28.41 0.39 13.33
C SER C 161 -29.08 -0.54 12.31
N ASP C 162 -29.56 0.06 11.24
CA ASP C 162 -30.14 -0.65 10.11
C ASP C 162 -29.31 -0.48 8.85
N SER C 163 -28.00 -0.30 9.00
CA SER C 163 -27.02 -0.02 7.96
C SER C 163 -27.17 1.35 7.35
N ASN C 164 -28.19 2.13 7.74
CA ASN C 164 -28.38 3.49 7.26
C ASN C 164 -28.12 4.48 8.39
N GLU C 165 -28.94 4.48 9.43
CA GLU C 165 -28.75 5.30 10.61
C GLU C 165 -28.23 4.45 11.76
N PHE C 166 -27.75 5.12 12.80
CA PHE C 166 -27.37 4.44 14.03
C PHE C 166 -27.70 5.34 15.21
N SER C 167 -27.89 4.70 16.37
CA SER C 167 -28.16 5.40 17.61
C SER C 167 -27.50 4.62 18.74
N VAL C 168 -26.96 5.35 19.72
CA VAL C 168 -26.34 4.75 20.89
C VAL C 168 -26.87 5.45 22.12
N ILE C 169 -27.26 4.66 23.14
CA ILE C 169 -27.78 5.18 24.39
C ILE C 169 -27.06 4.47 25.53
N ALA C 170 -27.11 5.10 26.71
CA ALA C 170 -26.65 4.43 27.92
C ALA C 170 -27.70 3.43 28.38
N ASP C 171 -27.24 2.26 28.79
CA ASP C 171 -28.15 1.19 29.18
C ASP C 171 -28.85 1.55 30.49
N PRO C 172 -30.18 1.67 30.51
CA PRO C 172 -30.87 1.97 31.77
C PRO C 172 -30.77 0.86 32.80
N ARG C 173 -30.41 -0.36 32.40
CA ARG C 173 -30.23 -1.46 33.33
C ARG C 173 -28.86 -1.45 33.99
N GLY C 174 -27.96 -0.57 33.58
CA GLY C 174 -26.62 -0.55 34.15
C GLY C 174 -25.75 -1.65 33.56
N ASN C 175 -24.72 -2.00 34.32
CA ASN C 175 -23.73 -3.00 33.90
C ASN C 175 -24.29 -4.38 34.18
N THR C 176 -24.93 -4.97 33.17
CA THR C 176 -25.47 -6.32 33.25
C THR C 176 -24.59 -7.35 32.57
N LEU C 177 -23.65 -6.93 31.73
CA LEU C 177 -22.74 -7.86 31.08
C LEU C 177 -21.49 -8.13 31.90
N GLY C 178 -21.10 -7.22 32.79
CA GLY C 178 -19.82 -7.33 33.47
C GLY C 178 -18.69 -6.89 32.58
N ARG C 179 -18.54 -7.56 31.45
CA ARG C 179 -17.58 -7.20 30.40
C ARG C 179 -17.88 -8.05 29.18
N GLY C 180 -17.91 -7.40 28.01
CA GLY C 180 -18.12 -8.11 26.78
C GLY C 180 -19.15 -7.42 25.92
N THR C 181 -19.66 -8.16 24.93
CA THR C 181 -20.56 -7.62 23.92
C THR C 181 -21.63 -8.64 23.59
N THR C 182 -22.85 -8.17 23.39
CA THR C 182 -23.96 -8.97 22.90
C THR C 182 -24.36 -8.43 21.52
N ILE C 183 -24.31 -9.29 20.51
CA ILE C 183 -24.74 -8.96 19.16
C ILE C 183 -26.09 -9.63 18.93
N THR C 184 -27.11 -8.82 18.64
CA THR C 184 -28.45 -9.31 18.39
C THR C 184 -28.84 -8.97 16.95
N LEU C 185 -29.23 -9.99 16.20
CA LEU C 185 -29.69 -9.81 14.83
C LEU C 185 -31.21 -9.89 14.79
N VAL C 186 -31.84 -8.90 14.17
CA VAL C 186 -33.28 -8.93 13.89
C VAL C 186 -33.43 -9.58 12.52
N LEU C 187 -33.58 -10.90 12.52
CA LEU C 187 -33.55 -11.66 11.28
C LEU C 187 -34.75 -11.34 10.39
N LYS C 188 -34.52 -11.39 9.08
CA LYS C 188 -35.61 -11.33 8.13
C LYS C 188 -36.50 -12.57 8.29
N GLU C 189 -37.73 -12.46 7.78
CA GLU C 189 -38.65 -13.60 7.87
C GLU C 189 -38.18 -14.76 7.02
N GLU C 190 -37.41 -14.50 5.96
CA GLU C 190 -36.87 -15.55 5.11
C GLU C 190 -35.69 -16.27 5.73
N ALA C 191 -35.17 -15.79 6.87
CA ALA C 191 -34.03 -16.39 7.54
C ALA C 191 -34.40 -16.96 8.90
N SER C 192 -35.69 -17.18 9.16
CA SER C 192 -36.12 -17.71 10.45
C SER C 192 -35.67 -19.15 10.68
N ASP C 193 -35.22 -19.84 9.61
CA ASP C 193 -34.78 -21.22 9.75
C ASP C 193 -33.53 -21.33 10.62
N TYR C 194 -32.72 -20.27 10.66
CA TYR C 194 -31.50 -20.29 11.48
C TYR C 194 -31.78 -20.33 12.97
N LEU C 195 -33.03 -20.13 13.39
CA LEU C 195 -33.38 -20.09 14.80
C LEU C 195 -33.73 -21.45 15.37
N GLU C 196 -33.94 -22.46 14.53
CA GLU C 196 -34.25 -23.79 15.04
C GLU C 196 -33.05 -24.36 15.79
N LEU C 197 -33.33 -25.13 16.84
CA LEU C 197 -32.28 -25.57 17.75
C LEU C 197 -31.22 -26.39 17.02
N ASP C 198 -31.63 -27.48 16.38
CA ASP C 198 -30.65 -28.35 15.73
C ASP C 198 -29.97 -27.68 14.56
N THR C 199 -30.62 -26.68 13.94
CA THR C 199 -30.00 -25.96 12.83
C THR C 199 -28.87 -25.07 13.31
N ILE C 200 -29.15 -24.20 14.29
CA ILE C 200 -28.12 -23.30 14.79
C ILE C 200 -26.99 -24.07 15.45
N LYS C 201 -27.29 -25.22 16.05
CA LYS C 201 -26.26 -25.98 16.76
C LYS C 201 -25.32 -26.66 15.78
N ASN C 202 -25.85 -27.21 14.69
CA ASN C 202 -24.98 -27.84 13.70
C ASN C 202 -24.19 -26.81 12.91
N LEU C 203 -24.72 -25.59 12.77
CA LEU C 203 -23.96 -24.53 12.10
C LEU C 203 -22.88 -23.98 13.02
N VAL C 204 -23.16 -23.90 14.32
CA VAL C 204 -22.15 -23.45 15.28
C VAL C 204 -20.97 -24.41 15.29
N LYS C 205 -21.26 -25.72 15.35
CA LYS C 205 -20.20 -26.71 15.33
C LYS C 205 -19.43 -26.69 14.01
N LYS C 206 -20.10 -26.28 12.92
CA LYS C 206 -19.44 -26.26 11.62
C LYS C 206 -18.38 -25.15 11.54
N TYR C 207 -18.61 -24.04 12.23
CA TYR C 207 -17.74 -22.87 12.15
C TYR C 207 -17.00 -22.61 13.47
N SER C 208 -16.64 -23.67 14.21
CA SER C 208 -15.98 -23.48 15.50
C SER C 208 -14.88 -24.50 15.74
N GLN C 209 -14.29 -25.08 14.69
CA GLN C 209 -13.32 -26.15 14.90
C GLN C 209 -11.97 -25.60 15.36
N PHE C 210 -11.64 -24.36 14.99
CA PHE C 210 -10.43 -23.68 15.46
C PHE C 210 -10.87 -22.34 16.05
N ILE C 211 -11.23 -22.34 17.34
CA ILE C 211 -11.70 -21.11 17.98
C ILE C 211 -10.94 -20.87 19.27
N ASN C 212 -10.75 -21.92 20.06
CA ASN C 212 -10.03 -21.97 21.34
C ASN C 212 -10.82 -21.37 22.50
N PHE C 213 -12.06 -20.92 22.28
CA PHE C 213 -12.90 -20.46 23.37
C PHE C 213 -14.19 -21.27 23.41
N PRO C 214 -14.72 -21.56 24.60
CA PRO C 214 -15.95 -22.36 24.67
C PRO C 214 -17.14 -21.61 24.08
N ILE C 215 -17.89 -22.31 23.24
CA ILE C 215 -19.08 -21.75 22.59
C ILE C 215 -20.28 -22.56 23.07
N TYR C 216 -21.18 -21.91 23.80
CA TYR C 216 -22.38 -22.55 24.31
C TYR C 216 -23.60 -22.12 23.50
N VAL C 217 -24.63 -22.96 23.54
CA VAL C 217 -25.92 -22.66 22.93
C VAL C 217 -27.00 -22.97 23.94
N TRP C 218 -27.95 -22.04 24.09
CA TRP C 218 -29.10 -22.24 24.96
C TRP C 218 -29.93 -23.40 24.41
N SER C 219 -29.81 -24.56 25.03
CA SER C 219 -30.46 -25.77 24.56
C SER C 219 -31.31 -26.38 25.66
N SER C 220 -32.31 -27.15 25.25
CA SER C 220 -33.22 -27.81 26.16
C SER C 220 -32.85 -29.28 26.34
N LYS C 221 -33.21 -29.83 27.49
CA LYS C 221 -32.90 -31.22 27.82
C LYS C 221 -33.92 -31.71 28.82
N THR C 222 -34.77 -32.65 28.38
CA THR C 222 -35.79 -33.23 29.25
C THR C 222 -35.38 -34.63 29.68
N GLY C 223 -35.90 -35.05 30.83
CA GLY C 223 -35.59 -36.36 31.36
C GLY C 223 -35.80 -36.47 32.86
N GLY C 224 -36.25 -37.63 33.31
CA GLY C 224 -36.48 -37.86 34.73
C GLY C 224 -37.88 -37.47 35.18
N GLY C 225 -38.02 -36.26 35.71
CA GLY C 225 -39.34 -35.81 36.15
C GLY C 225 -40.29 -35.51 35.02
N GLY C 226 -39.77 -35.13 33.86
CA GLY C 226 -40.56 -34.82 32.69
C GLY C 226 -40.57 -33.36 32.31
N LYS C 227 -40.16 -32.47 33.21
CA LYS C 227 -40.12 -31.05 32.91
C LYS C 227 -38.92 -30.72 32.04
N THR C 228 -39.08 -29.70 31.20
CA THR C 228 -38.03 -29.27 30.29
C THR C 228 -37.11 -28.27 31.00
N VAL C 229 -35.82 -28.56 30.99
CA VAL C 229 -34.81 -27.73 31.63
C VAL C 229 -33.93 -27.11 30.56
N TRP C 230 -33.67 -25.81 30.66
CA TRP C 230 -32.83 -25.08 29.73
C TRP C 230 -31.52 -24.69 30.41
N ASP C 231 -30.42 -24.83 29.67
CA ASP C 231 -29.11 -24.45 30.17
C ASP C 231 -28.16 -24.34 28.99
N TRP C 232 -26.95 -23.86 29.27
CA TRP C 232 -25.93 -23.74 28.24
C TRP C 232 -25.34 -25.10 27.90
N GLU C 233 -25.19 -25.37 26.61
CA GLU C 233 -24.62 -26.62 26.14
C GLU C 233 -23.33 -26.32 25.37
N LEU C 234 -22.22 -26.90 25.84
CA LEU C 234 -20.93 -26.70 25.20
C LEU C 234 -20.92 -27.39 23.83
N MET C 235 -20.69 -26.61 22.78
CA MET C 235 -20.73 -27.14 21.42
C MET C 235 -19.37 -27.56 20.90
N ASN C 236 -18.29 -26.98 21.41
CA ASN C 236 -16.96 -27.29 20.91
C ASN C 236 -16.01 -27.72 22.03
N GLU D 10 12.72 28.71 9.80
CA GLU D 10 13.50 29.61 8.95
C GLU D 10 13.15 29.42 7.48
N LYS D 11 13.99 29.95 6.60
CA LYS D 11 13.75 29.85 5.17
C LYS D 11 14.22 28.50 4.65
N PHE D 12 13.41 27.89 3.78
CA PHE D 12 13.70 26.59 3.19
C PHE D 12 13.84 25.50 4.23
N ALA D 13 13.10 25.61 5.34
CA ALA D 13 13.17 24.61 6.39
C ALA D 13 12.68 23.25 5.89
N PHE D 14 11.62 23.25 5.07
CA PHE D 14 11.11 21.99 4.55
C PHE D 14 12.03 21.41 3.48
N GLN D 15 12.56 22.26 2.60
CA GLN D 15 13.44 21.79 1.54
C GLN D 15 14.73 21.23 2.11
N ALA D 16 15.28 21.86 3.15
CA ALA D 16 16.51 21.37 3.75
C ALA D 16 16.32 20.03 4.41
N GLU D 17 15.14 19.80 5.01
CA GLU D 17 14.87 18.52 5.64
C GLU D 17 14.67 17.41 4.62
N VAL D 18 14.06 17.74 3.47
CA VAL D 18 13.98 16.77 2.38
C VAL D 18 15.38 16.41 1.89
N ASN D 19 16.21 17.43 1.68
CA ASN D 19 17.58 17.20 1.22
C ASN D 19 18.35 16.31 2.17
N ARG D 20 18.23 16.55 3.48
CA ARG D 20 18.95 15.76 4.46
C ARG D 20 18.48 14.31 4.45
N MET D 21 17.16 14.10 4.42
CA MET D 21 16.63 12.74 4.40
C MET D 21 16.98 12.02 3.10
N MET D 22 16.92 12.74 1.97
CA MET D 22 17.25 12.11 0.69
C MET D 22 18.71 11.70 0.64
N LYS D 23 19.62 12.59 1.06
CA LYS D 23 21.03 12.25 1.12
C LYS D 23 21.28 11.11 2.10
N LEU D 24 20.54 11.10 3.21
CA LEU D 24 20.72 10.06 4.22
C LEU D 24 20.32 8.70 3.67
N ILE D 25 19.16 8.62 3.03
CA ILE D 25 18.66 7.33 2.56
C ILE D 25 19.45 6.85 1.35
N ILE D 26 19.78 7.75 0.42
CA ILE D 26 20.49 7.36 -0.78
C ILE D 26 21.90 6.88 -0.45
N ASN D 27 22.61 7.63 0.40
CA ASN D 27 23.95 7.22 0.81
C ASN D 27 23.93 5.90 1.56
N SER D 28 22.85 5.64 2.31
CA SER D 28 22.77 4.39 3.06
C SER D 28 22.49 3.19 2.15
N LEU D 29 21.76 3.40 1.06
CA LEU D 29 21.38 2.31 0.19
C LEU D 29 22.50 1.91 -0.76
N TYR D 30 23.27 2.89 -1.24
CA TYR D 30 24.26 2.64 -2.29
C TYR D 30 25.70 2.80 -1.83
N LYS D 31 25.97 3.66 -0.84
CA LYS D 31 27.29 3.83 -0.24
C LYS D 31 28.37 4.15 -1.27
N ASN D 32 27.99 4.70 -2.42
CA ASN D 32 28.94 5.09 -3.45
C ASN D 32 28.38 6.29 -4.17
N LYS D 33 29.10 7.41 -4.11
CA LYS D 33 28.64 8.66 -4.71
C LYS D 33 28.48 8.55 -6.22
N GLU D 34 29.03 7.49 -6.85
CA GLU D 34 28.86 7.27 -8.28
C GLU D 34 27.44 6.93 -8.68
N ILE D 35 26.52 6.83 -7.71
CA ILE D 35 25.12 6.55 -8.03
C ILE D 35 24.52 7.65 -8.90
N PHE D 36 25.09 8.86 -8.83
CA PHE D 36 24.56 9.97 -9.62
C PHE D 36 24.69 9.68 -11.11
N LEU D 37 25.82 9.13 -11.55
CA LEU D 37 26.01 8.86 -12.97
C LEU D 37 25.12 7.70 -13.43
N ARG D 38 24.92 6.70 -12.57
CA ARG D 38 24.03 5.61 -12.92
C ARG D 38 22.60 6.11 -13.08
N GLU D 39 22.18 7.07 -12.25
CA GLU D 39 20.85 7.65 -12.39
C GLU D 39 20.73 8.45 -13.67
N LEU D 40 21.77 9.22 -14.02
CA LEU D 40 21.75 10.01 -15.24
C LEU D 40 21.63 9.10 -16.47
N ILE D 41 22.27 7.93 -16.42
CA ILE D 41 22.18 6.99 -17.53
C ILE D 41 20.84 6.25 -17.51
N SER D 42 20.40 5.84 -16.32
CA SER D 42 19.15 5.09 -16.22
C SER D 42 17.95 5.93 -16.60
N ASN D 43 17.90 7.18 -16.11
CA ASN D 43 16.78 8.05 -16.44
C ASN D 43 16.81 8.49 -17.90
N ALA D 44 18.01 8.58 -18.50
CA ALA D 44 18.09 8.87 -19.92
C ALA D 44 17.60 7.68 -20.75
N SER D 45 17.80 6.47 -20.26
CA SER D 45 17.36 5.29 -20.99
C SER D 45 15.84 5.14 -20.91
N ASP D 46 15.25 5.44 -19.76
CA ASP D 46 13.80 5.36 -19.64
C ASP D 46 13.11 6.39 -20.52
N ALA D 47 13.67 7.60 -20.62
CA ALA D 47 13.11 8.61 -21.50
C ALA D 47 13.19 8.18 -22.96
N LEU D 48 14.31 7.55 -23.35
CA LEU D 48 14.43 7.04 -24.71
C LEU D 48 13.47 5.90 -24.96
N ASP D 49 13.26 5.03 -23.96
CA ASP D 49 12.32 3.93 -24.13
C ASP D 49 10.90 4.42 -24.28
N LYS D 50 10.54 5.52 -23.61
CA LYS D 50 9.19 6.05 -23.72
C LYS D 50 8.89 6.51 -25.15
N ILE D 51 9.80 7.30 -25.74
CA ILE D 51 9.56 7.79 -27.08
C ILE D 51 9.68 6.66 -28.10
N ARG D 52 10.47 5.63 -27.79
CA ARG D 52 10.56 4.47 -28.69
C ARG D 52 9.26 3.70 -28.72
N LEU D 53 8.61 3.53 -27.56
CA LEU D 53 7.33 2.84 -27.52
C LEU D 53 6.25 3.63 -28.25
N ILE D 54 6.27 4.96 -28.11
CA ILE D 54 5.35 5.81 -28.86
C ILE D 54 5.58 5.66 -30.36
N SER D 55 6.84 5.54 -30.76
CA SER D 55 7.19 5.42 -32.17
C SER D 55 6.75 4.11 -32.79
N LEU D 56 6.35 3.12 -31.99
CA LEU D 56 5.87 1.86 -32.55
C LEU D 56 4.49 2.00 -33.18
N THR D 57 3.72 3.01 -32.78
CA THR D 57 2.41 3.27 -33.34
C THR D 57 2.30 4.61 -34.04
N ASP D 58 3.11 5.60 -33.65
CA ASP D 58 3.13 6.91 -34.29
C ASP D 58 4.35 6.95 -35.21
N GLU D 59 4.10 6.97 -36.52
CA GLU D 59 5.21 6.92 -37.46
C GLU D 59 6.00 8.22 -37.48
N ASN D 60 5.38 9.34 -37.12
CA ASN D 60 6.06 10.63 -37.11
C ASN D 60 6.44 11.09 -35.70
N ALA D 61 6.54 10.15 -34.75
CA ALA D 61 6.84 10.52 -33.38
C ALA D 61 8.25 11.07 -33.23
N LEU D 62 9.20 10.58 -34.03
CA LEU D 62 10.59 11.00 -33.97
C LEU D 62 10.94 12.05 -35.03
N ALA D 63 9.96 12.87 -35.44
CA ALA D 63 10.23 13.85 -36.47
C ALA D 63 11.20 14.93 -35.98
N GLY D 64 11.10 15.32 -34.71
CA GLY D 64 11.96 16.35 -34.17
C GLY D 64 13.42 15.96 -34.06
N ASN D 65 13.70 14.66 -33.96
CA ASN D 65 15.06 14.15 -33.89
C ASN D 65 15.05 12.65 -34.15
N GLU D 66 15.53 12.23 -35.31
CA GLU D 66 15.39 10.85 -35.76
C GLU D 66 16.40 9.89 -35.14
N GLU D 67 17.14 10.31 -34.11
CA GLU D 67 18.09 9.43 -33.44
C GLU D 67 17.68 9.23 -31.98
N LEU D 68 18.11 8.10 -31.43
CA LEU D 68 17.82 7.72 -30.04
C LEU D 68 19.16 7.44 -29.37
N THR D 69 19.79 8.48 -28.84
CA THR D 69 21.14 8.39 -28.31
C THR D 69 21.24 9.07 -26.95
N VAL D 70 22.35 8.78 -26.27
CA VAL D 70 22.76 9.50 -25.06
C VAL D 70 24.16 10.04 -25.31
N LYS D 71 24.35 11.33 -25.08
CA LYS D 71 25.61 12.00 -25.38
C LYS D 71 26.07 12.76 -24.15
N ILE D 72 27.25 12.40 -23.65
CA ILE D 72 27.82 12.96 -22.43
C ILE D 72 29.03 13.81 -22.82
N LYS D 73 29.12 15.00 -22.24
CA LYS D 73 30.19 15.95 -22.55
C LYS D 73 30.68 16.61 -21.28
N CYS D 74 32.00 16.75 -21.16
CA CYS D 74 32.62 17.36 -20.01
C CYS D 74 33.03 18.81 -20.32
N ASP D 75 33.10 19.61 -19.27
CA ASP D 75 33.54 21.01 -19.35
C ASP D 75 34.40 21.27 -18.12
N LYS D 76 35.71 20.97 -18.23
CA LYS D 76 36.59 21.11 -17.09
C LYS D 76 36.75 22.55 -16.65
N GLU D 77 36.61 23.51 -17.58
CA GLU D 77 36.80 24.91 -17.23
C GLU D 77 35.68 25.40 -16.31
N LYS D 78 34.43 25.18 -16.70
CA LYS D 78 33.28 25.63 -15.93
C LYS D 78 32.81 24.61 -14.89
N ASN D 79 33.49 23.47 -14.79
CA ASN D 79 33.11 22.40 -13.87
C ASN D 79 31.66 21.96 -14.11
N LEU D 80 31.33 21.73 -15.37
CA LEU D 80 30.01 21.30 -15.77
C LEU D 80 30.08 19.90 -16.38
N LEU D 81 29.00 19.16 -16.22
CA LEU D 81 28.84 17.83 -16.83
C LEU D 81 27.49 17.78 -17.51
N HIS D 82 27.48 17.54 -18.81
CA HIS D 82 26.27 17.52 -19.62
C HIS D 82 25.92 16.09 -19.99
N VAL D 83 24.66 15.72 -19.80
CA VAL D 83 24.12 14.44 -20.24
C VAL D 83 22.90 14.74 -21.10
N THR D 84 23.00 14.48 -22.40
CA THR D 84 21.95 14.81 -23.35
C THR D 84 21.41 13.54 -23.97
N ASP D 85 20.11 13.32 -23.82
CA ASP D 85 19.42 12.21 -24.47
C ASP D 85 18.29 12.77 -25.34
N THR D 86 17.99 12.05 -26.42
CA THR D 86 16.93 12.45 -27.35
C THR D 86 15.63 11.71 -27.05
N GLY D 87 15.30 11.55 -25.78
CA GLY D 87 14.10 10.83 -25.37
C GLY D 87 12.84 11.65 -25.57
N VAL D 88 11.81 11.27 -24.82
CA VAL D 88 10.50 11.90 -24.97
C VAL D 88 10.51 13.37 -24.54
N GLY D 89 11.45 13.76 -23.68
CA GLY D 89 11.50 15.12 -23.22
C GLY D 89 10.43 15.43 -22.18
N MET D 90 10.31 16.71 -21.85
CA MET D 90 9.38 17.15 -20.83
C MET D 90 8.70 18.44 -21.24
N THR D 91 7.39 18.49 -21.02
CA THR D 91 6.65 19.73 -21.24
C THR D 91 6.96 20.73 -20.14
N ARG D 92 6.46 21.96 -20.32
CA ARG D 92 6.64 22.98 -19.29
C ARG D 92 5.87 22.62 -18.03
N GLU D 93 4.68 22.03 -18.19
CA GLU D 93 3.90 21.60 -17.03
C GLU D 93 4.65 20.57 -16.22
N GLU D 94 5.29 19.61 -16.89
CA GLU D 94 6.11 18.63 -16.18
C GLU D 94 7.30 19.29 -15.49
N LEU D 95 7.82 20.37 -16.07
CA LEU D 95 8.93 21.08 -15.44
C LEU D 95 8.47 21.85 -14.21
N VAL D 96 7.26 22.43 -14.27
CA VAL D 96 6.75 23.20 -13.14
C VAL D 96 6.48 22.28 -11.94
N LYS D 97 5.98 21.07 -12.21
CA LYS D 97 5.76 20.11 -11.14
C LYS D 97 7.09 19.59 -10.59
N ASN D 98 8.07 19.38 -11.47
CA ASN D 98 9.32 18.69 -11.19
C ASN D 98 9.13 17.57 -10.17
N LEU D 99 9.64 17.75 -8.95
CA LEU D 99 9.51 16.76 -7.89
C LEU D 99 8.52 17.15 -6.81
N GLY D 100 7.99 18.38 -6.84
CA GLY D 100 7.03 18.83 -5.86
C GLY D 100 7.62 19.30 -4.55
N THR D 101 8.83 18.88 -4.20
CA THR D 101 9.45 19.30 -2.95
C THR D 101 10.16 20.63 -3.07
N ILE D 102 10.44 21.09 -4.28
CA ILE D 102 11.19 22.32 -4.52
C ILE D 102 10.19 23.46 -4.74
N ALA D 103 10.35 24.54 -3.98
CA ALA D 103 9.45 25.67 -4.06
C ALA D 103 9.89 26.63 -5.16
N LYS D 104 8.91 27.39 -5.69
CA LYS D 104 9.21 28.40 -6.70
C LYS D 104 10.15 29.45 -6.13
N SER D 105 10.98 30.02 -7.01
CA SER D 105 11.95 31.02 -6.59
C SER D 105 11.24 32.27 -6.09
N GLY D 106 11.49 32.63 -4.83
CA GLY D 106 10.96 33.85 -4.26
C GLY D 106 9.56 33.75 -3.70
N THR D 107 9.13 32.57 -3.25
CA THR D 107 7.80 32.39 -2.69
C THR D 107 7.92 32.13 -1.19
N SER D 108 8.20 33.20 -0.46
CA SER D 108 8.31 33.13 0.99
C SER D 108 8.10 34.50 1.63
N GLY D 121 0.85 16.64 0.59
CA GLY D 121 1.88 16.09 -0.28
C GLY D 121 1.44 14.82 -0.99
N GLN D 122 0.19 14.83 -1.48
CA GLN D 122 -0.33 13.67 -2.18
C GLN D 122 0.40 13.45 -3.50
N SER D 123 0.37 14.44 -4.39
CA SER D 123 1.07 14.32 -5.67
C SER D 123 2.57 14.52 -5.52
N THR D 124 3.00 15.28 -4.52
CA THR D 124 4.42 15.48 -4.30
C THR D 124 5.12 14.17 -3.96
N SER D 125 4.45 13.26 -3.26
CA SER D 125 5.07 12.02 -2.85
C SER D 125 5.27 11.06 -4.03
N GLU D 126 4.26 10.96 -4.91
CA GLU D 126 4.38 10.09 -6.06
C GLU D 126 5.44 10.56 -7.04
N LEU D 127 5.77 11.86 -7.03
CA LEU D 127 6.88 12.35 -7.85
C LEU D 127 8.20 11.98 -7.21
N ILE D 128 8.32 12.17 -5.89
CA ILE D 128 9.54 11.78 -5.18
C ILE D 128 9.78 10.29 -5.30
N GLY D 129 8.70 9.49 -5.23
CA GLY D 129 8.84 8.06 -5.38
C GLY D 129 9.38 7.66 -6.74
N GLN D 130 9.02 8.40 -7.78
CA GLN D 130 9.40 8.05 -9.14
C GLN D 130 10.76 8.61 -9.55
N PHE D 131 11.09 9.83 -9.13
CA PHE D 131 12.31 10.48 -9.56
C PHE D 131 13.15 11.05 -8.43
N GLY D 132 12.79 10.80 -7.17
CA GLY D 132 13.52 11.42 -6.06
C GLY D 132 14.95 10.96 -5.96
N VAL D 133 15.19 9.66 -6.11
CA VAL D 133 16.55 9.14 -6.03
C VAL D 133 17.39 9.64 -7.20
N GLY D 134 16.80 9.70 -8.40
CA GLY D 134 17.54 10.14 -9.56
C GLY D 134 17.93 11.61 -9.49
N PHE D 135 17.07 12.44 -8.92
CA PHE D 135 17.35 13.87 -8.87
C PHE D 135 18.25 14.23 -7.69
N TYR D 136 17.88 13.81 -6.48
CA TYR D 136 18.60 14.23 -5.30
C TYR D 136 19.98 13.60 -5.18
N SER D 137 20.23 12.49 -5.89
CA SER D 137 21.57 11.92 -5.90
C SER D 137 22.55 12.84 -6.60
N ALA D 138 22.07 13.69 -7.50
CA ALA D 138 22.95 14.63 -8.19
C ALA D 138 23.59 15.62 -7.22
N PHE D 139 22.93 15.90 -6.10
CA PHE D 139 23.45 16.85 -5.12
C PHE D 139 24.47 16.23 -4.17
N LEU D 140 24.80 14.95 -4.35
CA LEU D 140 25.95 14.38 -3.66
C LEU D 140 27.27 14.84 -4.26
N VAL D 141 27.25 15.26 -5.52
CA VAL D 141 28.44 15.74 -6.21
C VAL D 141 28.28 17.13 -6.82
N ALA D 142 27.08 17.65 -6.96
CA ALA D 142 26.84 18.94 -7.61
C ALA D 142 26.08 19.87 -6.69
N ASP D 143 26.18 21.16 -6.98
CA ASP D 143 25.48 22.18 -6.22
C ASP D 143 24.27 22.75 -6.94
N LYS D 144 24.09 22.41 -8.22
CA LYS D 144 22.97 22.93 -9.00
C LYS D 144 22.71 21.98 -10.16
N VAL D 145 21.43 21.82 -10.51
CA VAL D 145 21.02 21.01 -11.64
C VAL D 145 20.26 21.90 -12.62
N ILE D 146 20.65 21.84 -13.89
CA ILE D 146 20.00 22.60 -14.95
C ILE D 146 19.43 21.62 -15.97
N VAL D 147 18.17 21.82 -16.32
CA VAL D 147 17.45 20.92 -17.21
C VAL D 147 16.96 21.71 -18.42
N THR D 148 17.42 21.31 -19.60
CA THR D 148 16.92 21.83 -20.87
C THR D 148 16.21 20.69 -21.59
N SER D 149 14.92 20.84 -21.81
CA SER D 149 14.10 19.74 -22.32
C SER D 149 13.20 20.23 -23.45
N LYS D 150 12.92 19.32 -24.38
CA LYS D 150 12.04 19.60 -25.51
C LYS D 150 11.13 18.39 -25.70
N HIS D 151 9.83 18.59 -25.46
CA HIS D 151 8.82 17.57 -25.65
C HIS D 151 8.00 17.87 -26.90
N ASN D 152 7.46 16.83 -27.51
CA ASN D 152 6.61 17.00 -28.68
C ASN D 152 5.43 17.91 -28.36
N ASN D 153 5.09 18.78 -29.31
CA ASN D 153 3.97 19.70 -29.19
C ASN D 153 4.13 20.65 -28.01
N ASP D 154 5.37 21.05 -27.71
CA ASP D 154 5.62 22.06 -26.69
C ASP D 154 6.94 22.76 -27.00
N THR D 155 7.19 23.83 -26.25
CA THR D 155 8.35 24.68 -26.45
C THR D 155 9.52 24.18 -25.59
N GLN D 156 10.74 24.41 -26.09
CA GLN D 156 11.93 24.12 -25.31
C GLN D 156 12.07 25.11 -24.15
N HIS D 157 12.31 24.60 -22.95
CA HIS D 157 12.46 25.41 -21.77
C HIS D 157 13.74 25.04 -21.04
N ILE D 158 14.22 25.97 -20.22
CA ILE D 158 15.38 25.74 -19.35
C ILE D 158 14.90 25.79 -17.91
N TRP D 159 15.23 24.75 -17.15
CA TRP D 159 14.83 24.60 -15.75
C TRP D 159 16.08 24.41 -14.91
N GLU D 160 16.17 25.13 -13.79
CA GLU D 160 17.31 25.04 -12.91
C GLU D 160 16.83 25.07 -11.46
N SER D 161 17.61 24.43 -10.59
CA SER D 161 17.29 24.39 -9.17
C SER D 161 18.53 24.04 -8.37
N ASP D 162 18.59 24.57 -7.15
CA ASP D 162 19.63 24.25 -6.19
C ASP D 162 19.13 23.37 -5.06
N SER D 163 18.04 22.63 -5.30
CA SER D 163 17.30 21.77 -4.39
C SER D 163 16.45 22.57 -3.40
N ASN D 164 16.51 23.90 -3.40
CA ASN D 164 15.66 24.72 -2.55
C ASN D 164 14.63 25.49 -3.38
N GLU D 165 15.08 26.34 -4.30
CA GLU D 165 14.21 27.05 -5.22
C GLU D 165 14.34 26.44 -6.62
N PHE D 166 13.45 26.87 -7.51
CA PHE D 166 13.55 26.48 -8.91
C PHE D 166 12.95 27.59 -9.77
N SER D 167 13.47 27.70 -10.99
CA SER D 167 12.99 28.65 -11.97
C SER D 167 12.96 27.98 -13.33
N VAL D 168 11.95 28.31 -14.13
CA VAL D 168 11.83 27.78 -15.48
C VAL D 168 11.52 28.93 -16.43
N ILE D 169 12.23 28.97 -17.56
CA ILE D 169 12.07 30.01 -18.56
C ILE D 169 11.99 29.37 -19.93
N ALA D 170 11.42 30.12 -20.87
CA ALA D 170 11.45 29.68 -22.27
C ALA D 170 12.85 29.90 -22.84
N ASP D 171 13.33 28.91 -23.58
CA ASP D 171 14.67 28.99 -24.13
C ASP D 171 14.73 30.06 -25.22
N PRO D 172 15.54 31.11 -25.06
CA PRO D 172 15.62 32.15 -26.11
C PRO D 172 16.23 31.66 -27.41
N ARG D 173 16.84 30.48 -27.43
CA ARG D 173 17.41 29.90 -28.63
C ARG D 173 16.39 29.07 -29.41
N GLY D 174 15.16 28.96 -28.92
CA GLY D 174 14.18 28.15 -29.60
C GLY D 174 14.44 26.66 -29.40
N ASN D 175 13.97 25.88 -30.36
CA ASN D 175 14.09 24.42 -30.32
C ASN D 175 15.45 24.03 -30.89
N THR D 176 16.43 23.87 -30.01
CA THR D 176 17.75 23.41 -30.40
C THR D 176 17.93 21.91 -30.24
N LEU D 177 17.22 21.30 -29.28
CA LEU D 177 17.33 19.87 -29.05
C LEU D 177 16.55 19.04 -30.06
N GLY D 178 15.57 19.62 -30.73
CA GLY D 178 14.65 18.84 -31.55
C GLY D 178 13.67 18.10 -30.69
N ARG D 179 14.18 17.20 -29.85
CA ARG D 179 13.39 16.47 -28.87
C ARG D 179 14.34 15.79 -27.90
N GLY D 180 14.04 15.88 -26.61
CA GLY D 180 14.85 15.23 -25.61
C GLY D 180 15.13 16.15 -24.45
N THR D 181 16.15 15.80 -23.67
CA THR D 181 16.47 16.50 -22.44
C THR D 181 17.97 16.54 -22.24
N THR D 182 18.47 17.68 -21.77
CA THR D 182 19.86 17.82 -21.35
C THR D 182 19.90 18.07 -19.85
N ILE D 183 20.65 17.25 -19.14
CA ILE D 183 20.88 17.42 -17.70
C ILE D 183 22.30 17.90 -17.50
N THR D 184 22.46 19.07 -16.90
CA THR D 184 23.76 19.65 -16.62
C THR D 184 23.93 19.78 -15.12
N LEU D 185 25.02 19.21 -14.60
CA LEU D 185 25.36 19.32 -13.19
C LEU D 185 26.48 20.33 -13.01
N VAL D 186 26.23 21.34 -12.17
CA VAL D 186 27.29 22.25 -11.74
C VAL D 186 28.01 21.58 -10.58
N LEU D 187 29.07 20.83 -10.90
CA LEU D 187 29.71 19.99 -9.91
C LEU D 187 30.41 20.81 -8.83
N LYS D 188 30.44 20.27 -7.62
CA LYS D 188 31.30 20.81 -6.59
C LYS D 188 32.76 20.67 -7.00
N GLU D 189 33.61 21.52 -6.42
CA GLU D 189 35.04 21.41 -6.69
C GLU D 189 35.62 20.12 -6.13
N GLU D 190 34.94 19.49 -5.17
CA GLU D 190 35.38 18.18 -4.68
C GLU D 190 35.19 17.11 -5.75
N ALA D 191 34.12 17.21 -6.54
CA ALA D 191 33.82 16.25 -7.59
C ALA D 191 34.46 16.61 -8.92
N SER D 192 35.57 17.37 -8.90
CA SER D 192 36.18 17.83 -10.14
C SER D 192 36.76 16.66 -10.94
N ASP D 193 37.13 15.57 -10.27
CA ASP D 193 37.80 14.47 -10.95
C ASP D 193 36.89 13.70 -11.89
N TYR D 194 35.57 13.85 -11.73
CA TYR D 194 34.64 13.15 -12.62
C TYR D 194 34.64 13.72 -14.04
N LEU D 195 35.32 14.84 -14.27
CA LEU D 195 35.35 15.47 -15.58
C LEU D 195 36.58 15.08 -16.39
N GLU D 196 37.48 14.28 -15.83
CA GLU D 196 38.61 13.77 -16.61
C GLU D 196 38.10 12.79 -17.66
N LEU D 197 38.73 12.81 -18.84
CA LEU D 197 38.26 11.99 -19.95
C LEU D 197 38.29 10.51 -19.59
N ASP D 198 39.45 10.02 -19.15
CA ASP D 198 39.57 8.59 -18.83
C ASP D 198 38.67 8.19 -17.67
N THR D 199 38.40 9.11 -16.74
CA THR D 199 37.58 8.79 -15.59
C THR D 199 36.11 8.67 -15.98
N ILE D 200 35.57 9.68 -16.67
CA ILE D 200 34.15 9.66 -17.03
C ILE D 200 33.85 8.53 -18.00
N LYS D 201 34.82 8.16 -18.85
CA LYS D 201 34.59 7.13 -19.84
C LYS D 201 34.55 5.74 -19.19
N ASN D 202 35.45 5.49 -18.24
CA ASN D 202 35.43 4.20 -17.53
C ASN D 202 34.16 4.06 -16.72
N LEU D 203 33.70 5.14 -16.08
CA LEU D 203 32.47 5.07 -15.30
C LEU D 203 31.25 4.88 -16.17
N VAL D 204 31.25 5.44 -17.38
CA VAL D 204 30.13 5.23 -18.30
C VAL D 204 30.05 3.77 -18.70
N LYS D 205 31.20 3.15 -19.02
CA LYS D 205 31.20 1.73 -19.36
C LYS D 205 30.82 0.87 -18.16
N LYS D 206 31.09 1.34 -16.95
CA LYS D 206 30.75 0.58 -15.75
C LYS D 206 29.24 0.50 -15.54
N TYR D 207 28.49 1.49 -16.04
CA TYR D 207 27.06 1.58 -15.80
C TYR D 207 26.25 1.57 -17.09
N SER D 208 26.77 0.95 -18.15
CA SER D 208 26.08 0.95 -19.44
C SER D 208 25.90 -0.46 -19.99
N GLN D 209 26.05 -1.49 -19.16
CA GLN D 209 26.01 -2.85 -19.64
C GLN D 209 24.63 -3.31 -20.07
N PHE D 210 23.57 -2.57 -19.75
CA PHE D 210 22.21 -3.05 -20.02
C PHE D 210 21.28 -1.97 -20.58
N ILE D 211 21.82 -0.93 -21.21
CA ILE D 211 21.00 0.24 -21.53
C ILE D 211 20.15 0.00 -22.77
N ASN D 212 20.70 -0.65 -23.79
CA ASN D 212 20.09 -0.90 -25.11
C ASN D 212 20.04 0.34 -25.98
N PHE D 213 20.65 1.45 -25.55
CA PHE D 213 20.74 2.65 -26.36
C PHE D 213 22.20 3.08 -26.46
N PRO D 214 22.62 3.56 -27.63
CA PRO D 214 24.01 3.99 -27.78
C PRO D 214 24.33 5.18 -26.89
N ILE D 215 25.45 5.10 -26.18
CA ILE D 215 25.88 6.14 -25.25
C ILE D 215 27.26 6.61 -25.69
N TYR D 216 27.34 7.88 -26.08
CA TYR D 216 28.57 8.47 -26.59
C TYR D 216 29.17 9.42 -25.56
N VAL D 217 30.48 9.64 -25.70
CA VAL D 217 31.21 10.59 -24.88
C VAL D 217 32.02 11.49 -25.82
N TRP D 218 32.02 12.78 -25.55
CA TRP D 218 32.83 13.73 -26.29
C TRP D 218 34.30 13.45 -25.99
N SER D 219 34.97 12.77 -26.91
CA SER D 219 36.35 12.34 -26.71
C SER D 219 37.25 12.90 -27.79
N SER D 220 38.54 12.99 -27.47
CA SER D 220 39.54 13.53 -28.38
C SER D 220 40.32 12.42 -29.04
N LYS D 221 40.86 12.73 -30.22
CA LYS D 221 41.62 11.74 -30.99
C LYS D 221 42.55 12.50 -31.93
N THR D 222 43.84 12.21 -31.85
CA THR D 222 44.83 12.89 -32.68
C THR D 222 45.65 11.85 -33.44
N GLY D 223 45.87 12.12 -34.72
CA GLY D 223 46.61 11.19 -35.56
C GLY D 223 46.75 11.67 -36.99
N GLY D 224 47.90 11.38 -37.60
CA GLY D 224 48.13 11.77 -38.98
C GLY D 224 48.66 13.18 -39.14
N GLY D 225 47.74 14.15 -39.19
CA GLY D 225 48.16 15.54 -39.36
C GLY D 225 48.75 16.13 -38.10
N GLY D 226 48.21 15.77 -36.94
CA GLY D 226 48.70 16.24 -35.66
C GLY D 226 47.71 17.07 -34.88
N LYS D 227 46.66 17.56 -35.53
CA LYS D 227 45.64 18.35 -34.84
C LYS D 227 44.69 17.42 -34.09
N THR D 228 44.21 17.90 -32.96
CA THR D 228 43.27 17.14 -32.14
C THR D 228 41.85 17.31 -32.68
N VAL D 229 41.17 16.20 -32.89
CA VAL D 229 39.81 16.18 -33.42
C VAL D 229 38.87 15.62 -32.36
N TRP D 230 37.80 16.34 -32.07
CA TRP D 230 36.80 15.91 -31.11
C TRP D 230 35.57 15.38 -31.83
N ASP D 231 35.02 14.29 -31.33
CA ASP D 231 33.81 13.69 -31.88
C ASP D 231 33.23 12.73 -30.85
N TRP D 232 32.04 12.25 -31.13
CA TRP D 232 31.38 11.31 -30.23
C TRP D 232 32.03 9.92 -30.35
N GLU D 233 32.18 9.25 -29.21
CA GLU D 233 32.78 7.94 -29.15
C GLU D 233 31.78 6.97 -28.51
N LEU D 234 31.36 5.97 -29.27
CA LEU D 234 30.44 4.97 -28.75
C LEU D 234 31.11 4.16 -27.65
N MET D 235 30.51 4.19 -26.45
CA MET D 235 31.09 3.51 -25.30
C MET D 235 30.55 2.11 -25.08
N ASN D 236 29.35 1.81 -25.56
CA ASN D 236 28.73 0.51 -25.33
C ASN D 236 28.22 -0.13 -26.62
#